data_1U7H
#
_entry.id   1U7H
#
_cell.length_a   69.900
_cell.length_b   78.600
_cell.length_c   119.900
_cell.angle_alpha   90.00
_cell.angle_beta   90.00
_cell.angle_gamma   90.00
#
_symmetry.space_group_name_H-M   'P 21 21 21'
#
loop_
_entity.id
_entity.type
_entity.pdbx_description
1 polymer 'ornithine cyclodeaminase'
2 non-polymer 'SODIUM ION'
3 non-polymer NICOTINAMIDE-ADENINE-DINUCLEOTIDE
4 non-polymer (4S)-2-METHYL-2,4-PENTANEDIOL
5 water water
#
_entity_poly.entity_id   1
_entity_poly.type   'polypeptide(L)'
_entity_poly.pdbx_seq_one_letter_code
;MTYFIDVPT(MSE)SDLVHDIGVAPFIGELAAALRDDFKRWQAFDKSARVASHSEVGVIEL(MSE)PVADKSRYAFKYVN
GHPANTARNLHTV(MSE)AFGVLADVDSGYPVLLSELTIATALRTAATSL(MSE)AAQALARPNARK(MSE)ALIGNGAQ
SEFQALAFHKHLGIEEIVAYDTDPLATAKLIANLKEYSGLTIRRASSVAEAVKGVDIITTVTADKAYATIITPD(MSE)L
EPG(MSE)HLNAVGGDCPGKTELHADVLRNARVFVEYEPQTRIEGEIQQLPADFPVVDLWRVLRGETEGRQSDSQVTVFD
SVGFALEDYTVLRYVLQQAEKRG(MSE)GTKIDLVPWVEDDPKDLFSHTRGRAGKRRIRRVA
;
_entity_poly.pdbx_strand_id   A,B
#
# COMPACT_ATOMS: atom_id res chain seq x y z
N THR A 2 -16.98 3.25 5.55
CA THR A 2 -15.62 3.83 5.68
C THR A 2 -15.70 5.31 5.99
N TYR A 3 -14.96 5.75 7.01
CA TYR A 3 -14.98 7.16 7.34
C TYR A 3 -13.68 7.79 6.85
N PHE A 4 -13.78 9.05 6.45
CA PHE A 4 -12.65 9.80 5.90
C PHE A 4 -12.37 11.07 6.68
N ILE A 5 -11.09 11.27 7.00
CA ILE A 5 -10.63 12.47 7.70
C ILE A 5 -9.68 13.15 6.74
N ASP A 6 -10.09 14.27 6.18
CA ASP A 6 -9.23 14.99 5.24
C ASP A 6 -8.30 15.97 5.93
N VAL A 7 -7.53 16.73 5.15
CA VAL A 7 -6.58 17.67 5.71
C VAL A 7 -7.21 18.72 6.62
N PRO A 8 -8.22 19.46 6.13
CA PRO A 8 -8.82 20.48 7.01
C PRO A 8 -9.44 19.90 8.28
N THR A 9 -10.04 18.71 8.18
CA THR A 9 -10.65 18.09 9.34
C THR A 9 -9.57 17.69 10.34
N SER A 11 -6.80 19.14 10.67
CA SER A 11 -6.32 20.42 11.19
C SER A 11 -7.18 20.85 12.38
N ASP A 12 -8.49 20.72 12.23
CA ASP A 12 -9.40 21.10 13.31
C ASP A 12 -9.24 20.13 14.48
N LEU A 13 -9.02 18.85 14.17
CA LEU A 13 -8.85 17.85 15.21
C LEU A 13 -7.59 18.12 16.03
N VAL A 14 -6.47 18.32 15.35
CA VAL A 14 -5.20 18.59 16.03
C VAL A 14 -5.30 19.88 16.83
N HIS A 15 -5.95 20.89 16.26
CA HIS A 15 -6.11 22.16 16.94
C HIS A 15 -6.88 22.00 18.25
N ASP A 16 -7.90 21.15 18.24
CA ASP A 16 -8.70 20.93 19.45
C ASP A 16 -7.98 20.11 20.51
N ILE A 17 -7.17 19.15 20.08
CA ILE A 17 -6.41 18.33 21.02
C ILE A 17 -5.21 19.10 21.55
N GLY A 18 -4.57 19.83 20.64
CA GLY A 18 -3.38 20.59 21.00
C GLY A 18 -2.18 19.78 20.54
N VAL A 19 -1.21 20.44 19.91
CA VAL A 19 -0.04 19.73 19.43
C VAL A 19 0.72 19.00 20.54
N ALA A 20 1.01 19.69 21.64
CA ALA A 20 1.75 19.06 22.74
C ALA A 20 0.97 17.87 23.33
N PRO A 21 -0.32 18.06 23.65
CA PRO A 21 -1.09 16.95 24.21
C PRO A 21 -1.17 15.77 23.24
N PHE A 22 -1.34 16.09 21.95
CA PHE A 22 -1.42 15.07 20.91
C PHE A 22 -0.15 14.22 20.95
N ILE A 23 0.99 14.90 20.93
CA ILE A 23 2.28 14.22 20.95
C ILE A 23 2.47 13.40 22.24
N GLY A 24 2.08 13.98 23.37
CA GLY A 24 2.21 13.29 24.63
C GLY A 24 1.36 12.03 24.71
N GLU A 25 0.09 12.15 24.34
CA GLU A 25 -0.82 11.00 24.37
C GLU A 25 -0.40 9.95 23.36
N LEU A 26 0.07 10.39 22.20
CA LEU A 26 0.49 9.46 21.16
C LEU A 26 1.75 8.71 21.58
N ALA A 27 2.65 9.39 22.28
CA ALA A 27 3.88 8.75 22.76
C ALA A 27 3.54 7.63 23.74
N ALA A 28 2.54 7.87 24.58
CA ALA A 28 2.12 6.87 25.56
C ALA A 28 1.53 5.67 24.82
N ALA A 29 0.73 5.94 23.78
CA ALA A 29 0.13 4.90 22.99
C ALA A 29 1.20 4.12 22.21
N LEU A 30 2.19 4.84 21.70
CA LEU A 30 3.29 4.20 20.96
C LEU A 30 4.08 3.27 21.87
N ARG A 31 4.31 3.71 23.10
CA ARG A 31 5.06 2.90 24.06
C ARG A 31 4.32 1.57 24.30
N ASP A 32 2.99 1.64 24.42
CA ASP A 32 2.20 0.43 24.64
C ASP A 32 2.30 -0.51 23.44
N ASP A 33 2.20 0.04 22.24
CA ASP A 33 2.29 -0.81 21.05
C ASP A 33 3.70 -1.38 20.89
N PHE A 34 4.72 -0.59 21.17
CA PHE A 34 6.09 -1.08 21.05
C PHE A 34 6.34 -2.22 22.04
N LYS A 35 5.68 -2.16 23.20
CA LYS A 35 5.83 -3.21 24.19
C LYS A 35 5.28 -4.55 23.69
N ARG A 36 4.23 -4.51 22.86
CA ARG A 36 3.67 -5.73 22.32
C ARG A 36 4.18 -5.96 20.88
N TRP A 37 5.41 -5.53 20.67
CA TRP A 37 6.11 -5.66 19.39
C TRP A 37 5.96 -7.04 18.74
N GLN A 38 6.06 -8.08 19.57
CA GLN A 38 5.99 -9.46 19.11
C GLN A 38 4.61 -9.92 18.64
N ALA A 39 3.60 -9.09 18.88
CA ALA A 39 2.23 -9.43 18.49
C ALA A 39 1.89 -8.94 17.09
N PHE A 40 2.81 -8.20 16.47
CA PHE A 40 2.59 -7.65 15.14
C PHE A 40 3.24 -8.42 13.99
N ASP A 41 2.54 -8.45 12.86
CA ASP A 41 3.04 -9.08 11.65
C ASP A 41 3.81 -7.93 11.02
N LYS A 42 5.12 -7.93 11.23
CA LYS A 42 5.99 -6.87 10.74
C LYS A 42 6.71 -7.16 9.44
N SER A 43 6.97 -6.10 8.68
CA SER A 43 7.67 -6.22 7.41
C SER A 43 8.35 -4.89 7.08
N ALA A 44 9.42 -4.95 6.29
CA ALA A 44 10.10 -3.74 5.88
C ALA A 44 9.22 -3.11 4.82
N ARG A 45 9.03 -1.79 4.90
CA ARG A 45 8.20 -1.10 3.92
C ARG A 45 8.73 -1.31 2.51
N VAL A 46 7.82 -1.26 1.52
CA VAL A 46 8.21 -1.43 0.14
C VAL A 46 8.38 -0.06 -0.50
N ALA A 47 9.54 0.16 -1.13
CA ALA A 47 9.84 1.44 -1.74
C ALA A 47 10.01 1.39 -3.25
N SER A 48 9.53 2.44 -3.91
CA SER A 48 9.64 2.58 -5.36
C SER A 48 10.49 3.84 -5.55
N HIS A 49 11.75 3.64 -5.93
CA HIS A 49 12.69 4.74 -6.11
C HIS A 49 12.68 5.42 -7.47
N SER A 50 12.87 6.73 -7.46
CA SER A 50 12.93 7.51 -8.69
C SER A 50 14.16 8.41 -8.56
N GLU A 51 14.48 9.16 -9.60
CA GLU A 51 15.67 10.01 -9.55
C GLU A 51 15.62 11.12 -8.50
N VAL A 52 14.44 11.67 -8.23
CA VAL A 52 14.35 12.76 -7.26
C VAL A 52 13.58 12.44 -5.97
N GLY A 53 13.11 11.21 -5.83
CA GLY A 53 12.38 10.87 -4.62
C GLY A 53 12.06 9.39 -4.46
N VAL A 54 11.08 9.10 -3.63
CA VAL A 54 10.67 7.73 -3.38
C VAL A 54 9.20 7.72 -2.95
N ILE A 55 8.52 6.63 -3.24
CA ILE A 55 7.13 6.45 -2.85
C ILE A 55 7.12 5.11 -2.15
N GLU A 56 6.58 5.07 -0.94
CA GLU A 56 6.58 3.83 -0.17
C GLU A 56 5.23 3.47 0.44
N LEU A 57 5.05 2.18 0.69
CA LEU A 57 3.84 1.66 1.33
C LEU A 57 4.34 1.01 2.61
N PRO A 59 2.89 -1.21 5.57
CA PRO A 59 1.86 -2.02 6.23
C PRO A 59 2.33 -2.68 7.52
N VAL A 60 1.36 -3.02 8.37
CA VAL A 60 1.60 -3.72 9.61
C VAL A 60 0.23 -4.15 10.10
N ALA A 61 0.18 -5.23 10.87
CA ALA A 61 -1.10 -5.70 11.38
C ALA A 61 -0.93 -6.60 12.59
N ASP A 62 -1.96 -6.66 13.40
CA ASP A 62 -1.95 -7.55 14.56
C ASP A 62 -3.15 -8.46 14.30
N LYS A 63 -3.61 -9.19 15.31
CA LYS A 63 -4.73 -10.10 15.10
C LYS A 63 -6.07 -9.43 14.84
N SER A 64 -6.18 -8.14 15.15
CA SER A 64 -7.44 -7.42 15.00
C SER A 64 -7.51 -6.31 13.96
N ARG A 65 -6.43 -5.54 13.86
CA ARG A 65 -6.40 -4.41 12.95
C ARG A 65 -5.25 -4.46 11.96
N TYR A 66 -5.49 -3.91 10.77
CA TYR A 66 -4.49 -3.82 9.72
C TYR A 66 -4.33 -2.34 9.41
N ALA A 67 -3.11 -1.90 9.15
CA ALA A 67 -2.88 -0.51 8.83
C ALA A 67 -1.76 -0.37 7.82
N PHE A 68 -1.83 0.70 7.02
CA PHE A 68 -0.78 0.96 6.08
C PHE A 68 -0.80 2.44 5.78
N LYS A 69 0.37 2.95 5.40
CA LYS A 69 0.48 4.35 5.06
C LYS A 69 1.23 4.47 3.74
N TYR A 70 0.73 5.35 2.89
CA TYR A 70 1.34 5.66 1.61
C TYR A 70 2.12 6.94 1.94
N VAL A 71 3.37 7.02 1.54
CA VAL A 71 4.15 8.22 1.81
C VAL A 71 5.27 8.41 0.79
N ASN A 72 5.55 9.66 0.44
CA ASN A 72 6.62 9.95 -0.51
C ASN A 72 7.71 10.74 0.22
N GLY A 73 8.86 10.86 -0.42
CA GLY A 73 9.98 11.58 0.16
C GLY A 73 10.70 12.25 -0.99
N HIS A 74 10.33 13.49 -1.28
CA HIS A 74 10.91 14.26 -2.38
C HIS A 74 11.49 15.60 -1.90
N PRO A 75 12.77 15.62 -1.51
CA PRO A 75 13.41 16.86 -1.04
C PRO A 75 13.26 18.07 -1.96
N ALA A 76 13.26 17.84 -3.27
CA ALA A 76 13.14 18.95 -4.23
C ALA A 76 11.74 19.55 -4.35
N ASN A 77 10.75 18.90 -3.73
CA ASN A 77 9.38 19.39 -3.79
C ASN A 77 9.16 20.81 -3.27
N THR A 78 9.90 21.22 -2.25
CA THR A 78 9.71 22.56 -1.70
C THR A 78 10.04 23.67 -2.68
N ALA A 79 10.90 23.39 -3.66
CA ALA A 79 11.26 24.38 -4.66
C ALA A 79 10.07 24.61 -5.60
N ARG A 80 9.13 23.67 -5.57
CA ARG A 80 7.93 23.73 -6.40
C ARG A 80 6.70 24.03 -5.53
N ASN A 81 6.97 24.53 -4.33
CA ASN A 81 5.92 24.86 -3.36
C ASN A 81 5.10 23.66 -2.92
N LEU A 82 5.71 22.47 -2.98
CA LEU A 82 5.06 21.23 -2.56
C LEU A 82 5.79 20.71 -1.33
N HIS A 83 5.08 19.93 -0.52
CA HIS A 83 5.69 19.37 0.68
C HIS A 83 6.63 18.22 0.34
N THR A 84 7.76 18.18 1.03
CA THR A 84 8.73 17.11 0.83
C THR A 84 8.08 15.78 1.19
N VAL A 85 7.28 15.81 2.25
CA VAL A 85 6.58 14.62 2.73
C VAL A 85 5.07 14.77 2.67
N ALA A 87 1.47 12.18 2.90
CA ALA A 87 1.06 10.83 3.25
C ALA A 87 -0.41 10.70 3.62
N PHE A 88 -0.92 9.48 3.53
CA PHE A 88 -2.29 9.16 3.92
C PHE A 88 -2.30 7.67 4.22
N GLY A 89 -3.29 7.21 4.98
CA GLY A 89 -3.31 5.81 5.31
C GLY A 89 -4.69 5.27 5.63
N VAL A 90 -4.72 3.97 5.91
CA VAL A 90 -5.96 3.28 6.20
C VAL A 90 -5.84 2.34 7.39
N LEU A 91 -6.92 2.25 8.17
CA LEU A 91 -7.00 1.32 9.30
C LEU A 91 -8.13 0.39 8.89
N ALA A 92 -7.84 -0.91 8.85
CA ALA A 92 -8.84 -1.89 8.42
C ALA A 92 -9.05 -3.04 9.41
N ASP A 93 -10.20 -3.68 9.27
CA ASP A 93 -10.60 -4.81 10.10
C ASP A 93 -9.98 -6.09 9.53
N VAL A 94 -9.18 -6.78 10.33
CA VAL A 94 -8.49 -7.98 9.87
C VAL A 94 -9.38 -9.16 9.45
N ASP A 95 -10.44 -9.44 10.21
CA ASP A 95 -11.29 -10.57 9.88
C ASP A 95 -12.24 -10.40 8.69
N SER A 96 -12.31 -9.20 8.12
CA SER A 96 -13.18 -8.96 6.98
C SER A 96 -12.45 -8.25 5.84
N GLY A 97 -11.38 -7.53 6.19
CA GLY A 97 -10.64 -6.79 5.18
C GLY A 97 -11.25 -5.43 4.93
N TYR A 98 -12.34 -5.12 5.62
CA TYR A 98 -13.03 -3.84 5.43
C TYR A 98 -12.24 -2.65 5.95
N PRO A 99 -12.08 -1.62 5.11
CA PRO A 99 -11.35 -0.40 5.49
C PRO A 99 -12.27 0.51 6.31
N VAL A 100 -11.97 0.64 7.59
CA VAL A 100 -12.79 1.44 8.49
C VAL A 100 -12.48 2.94 8.43
N LEU A 101 -11.21 3.28 8.30
CA LEU A 101 -10.81 4.68 8.26
C LEU A 101 -9.79 4.98 7.17
N LEU A 102 -10.02 6.08 6.45
CA LEU A 102 -9.09 6.57 5.44
C LEU A 102 -8.75 7.93 6.02
N SER A 103 -7.47 8.24 6.18
CA SER A 103 -7.11 9.51 6.77
C SER A 103 -5.88 10.16 6.17
N GLU A 104 -5.87 11.49 6.20
CA GLU A 104 -4.72 12.25 5.74
C GLU A 104 -3.68 11.82 6.77
N LEU A 105 -2.40 11.81 6.42
CA LEU A 105 -1.36 11.45 7.38
C LEU A 105 -0.13 12.33 7.24
N THR A 106 -0.25 13.43 6.52
CA THR A 106 0.89 14.33 6.36
C THR A 106 1.09 15.03 7.71
N ILE A 107 0.03 15.63 8.24
CA ILE A 107 0.11 16.28 9.53
C ILE A 107 0.39 15.22 10.59
N ALA A 108 -0.34 14.10 10.52
CA ALA A 108 -0.18 13.03 11.49
C ALA A 108 1.23 12.45 11.50
N THR A 109 1.88 12.40 10.34
CA THR A 109 3.23 11.86 10.27
C THR A 109 4.19 12.71 11.09
N ALA A 110 4.06 14.02 11.01
CA ALA A 110 4.94 14.91 11.78
C ALA A 110 4.71 14.67 13.28
N LEU A 111 3.45 14.46 13.63
CA LEU A 111 3.09 14.22 15.03
C LEU A 111 3.61 12.87 15.53
N ARG A 112 3.48 11.81 14.72
CA ARG A 112 3.96 10.50 15.16
C ARG A 112 5.47 10.42 15.16
N THR A 113 6.12 11.20 14.30
CA THR A 113 7.57 11.20 14.23
C THR A 113 8.13 11.92 15.45
N ALA A 114 7.46 13.00 15.85
CA ALA A 114 7.89 13.75 17.02
C ALA A 114 7.65 12.88 18.26
N ALA A 115 6.52 12.17 18.28
CA ALA A 115 6.19 11.30 19.41
C ALA A 115 7.20 10.16 19.53
N THR A 116 7.59 9.60 18.39
CA THR A 116 8.55 8.51 18.39
C THR A 116 9.92 9.01 18.86
N SER A 117 10.32 10.17 18.37
CA SER A 117 11.60 10.76 18.77
C SER A 117 11.58 11.04 20.27
N LEU A 118 10.44 11.51 20.76
CA LEU A 118 10.28 11.81 22.18
C LEU A 118 10.40 10.53 23.01
N ALA A 120 11.81 7.69 22.27
CA ALA A 120 13.18 7.20 22.23
C ALA A 120 14.08 8.03 23.14
N ALA A 121 13.95 9.35 23.05
CA ALA A 121 14.75 10.26 23.84
C ALA A 121 14.55 10.05 25.34
N GLN A 122 13.31 9.83 25.75
CA GLN A 122 13.01 9.61 27.15
C GLN A 122 13.80 8.41 27.67
N ALA A 123 13.97 7.41 26.83
CA ALA A 123 14.68 6.20 27.21
C ALA A 123 16.18 6.22 26.92
N LEU A 124 16.61 7.13 26.05
CA LEU A 124 18.02 7.17 25.65
C LEU A 124 18.84 8.40 26.04
N ALA A 125 18.20 9.56 26.10
CA ALA A 125 18.94 10.78 26.44
C ALA A 125 19.15 10.91 27.95
N ARG A 126 20.12 11.73 28.33
CA ARG A 126 20.38 11.96 29.74
C ARG A 126 19.14 12.68 30.28
N PRO A 127 18.65 12.24 31.45
CA PRO A 127 17.46 12.86 32.05
C PRO A 127 17.59 14.34 32.37
N ASN A 128 18.81 14.85 32.41
CA ASN A 128 19.04 16.25 32.72
C ASN A 128 19.25 17.15 31.51
N ALA A 129 18.91 16.63 30.32
CA ALA A 129 19.08 17.41 29.09
C ALA A 129 18.23 18.67 29.14
N ARG A 130 18.77 19.78 28.64
CA ARG A 130 18.04 21.06 28.64
C ARG A 130 18.26 21.88 27.38
N LYS A 131 19.28 21.53 26.60
CA LYS A 131 19.60 22.28 25.38
C LYS A 131 19.63 21.36 24.17
N ALA A 133 20.05 21.01 19.72
CA ALA A 133 20.37 21.61 18.45
C ALA A 133 19.35 21.05 17.48
N LEU A 134 18.78 21.90 16.65
CA LEU A 134 17.79 21.46 15.68
C LEU A 134 18.29 21.84 14.30
N ILE A 135 18.82 20.85 13.58
CA ILE A 135 19.36 21.05 12.24
C ILE A 135 18.29 20.65 11.23
N GLY A 136 17.84 21.63 10.45
CA GLY A 136 16.77 21.39 9.50
C GLY A 136 15.59 22.04 10.20
N ASN A 137 15.05 23.11 9.63
CA ASN A 137 13.94 23.82 10.26
C ASN A 137 12.71 23.85 9.36
N GLY A 138 12.45 22.71 8.71
CA GLY A 138 11.31 22.60 7.81
C GLY A 138 10.05 22.07 8.47
N ALA A 139 9.27 21.32 7.70
CA ALA A 139 7.99 20.77 8.15
C ALA A 139 8.01 20.04 9.49
N GLN A 140 9.00 19.19 9.70
CA GLN A 140 9.08 18.43 10.94
C GLN A 140 9.54 19.22 12.17
N SER A 141 10.36 20.24 11.93
CA SER A 141 10.96 21.03 13.02
C SER A 141 10.09 21.55 14.17
N GLU A 142 8.98 22.22 13.87
CA GLU A 142 8.12 22.73 14.96
C GLU A 142 7.62 21.62 15.87
N PHE A 143 7.25 20.49 15.25
CA PHE A 143 6.73 19.35 15.99
C PHE A 143 7.81 18.75 16.88
N GLN A 144 9.01 18.59 16.33
CA GLN A 144 10.11 18.05 17.10
C GLN A 144 10.42 19.00 18.26
N ALA A 145 10.51 20.29 17.95
CA ALA A 145 10.79 21.31 18.95
C ALA A 145 9.80 21.26 20.13
N LEU A 146 8.50 21.25 19.82
CA LEU A 146 7.49 21.21 20.88
C LEU A 146 7.49 19.91 21.68
N ALA A 147 7.72 18.79 21.01
CA ALA A 147 7.74 17.50 21.69
C ALA A 147 8.80 17.51 22.79
N PHE A 148 9.98 17.99 22.45
CA PHE A 148 11.10 18.05 23.39
C PHE A 148 10.95 19.12 24.46
N HIS A 149 10.40 20.27 24.08
CA HIS A 149 10.20 21.35 25.04
C HIS A 149 9.12 21.02 26.07
N LYS A 150 7.96 20.55 25.59
CA LYS A 150 6.85 20.25 26.48
C LYS A 150 6.94 18.95 27.25
N HIS A 151 7.62 17.96 26.70
CA HIS A 151 7.70 16.66 27.36
C HIS A 151 9.06 16.18 27.81
N LEU A 152 10.13 16.89 27.46
CA LEU A 152 11.45 16.46 27.89
C LEU A 152 12.32 17.57 28.48
N GLY A 153 11.66 18.62 28.97
CA GLY A 153 12.35 19.73 29.61
C GLY A 153 13.37 20.53 28.82
N ILE A 154 13.29 20.50 27.49
CA ILE A 154 14.23 21.29 26.70
C ILE A 154 13.78 22.74 26.74
N GLU A 155 14.63 23.61 27.26
CA GLU A 155 14.28 25.03 27.37
C GLU A 155 15.02 25.91 26.36
N GLU A 156 16.03 25.36 25.71
CA GLU A 156 16.79 26.13 24.73
C GLU A 156 17.11 25.31 23.49
N ILE A 157 16.80 25.87 22.32
CA ILE A 157 17.06 25.22 21.05
C ILE A 157 17.92 26.15 20.20
N VAL A 158 18.99 25.61 19.62
CA VAL A 158 19.86 26.38 18.74
C VAL A 158 19.57 25.78 17.36
N ALA A 159 18.98 26.60 16.50
CA ALA A 159 18.59 26.12 15.17
C ALA A 159 19.41 26.57 13.98
N TYR A 160 19.55 25.67 13.01
CA TYR A 160 20.26 25.98 11.79
C TYR A 160 19.62 25.30 10.61
N ASP A 161 19.54 26.03 9.50
CA ASP A 161 18.97 25.51 8.26
C ASP A 161 19.66 26.31 7.17
N THR A 162 19.99 25.67 6.05
CA THR A 162 20.64 26.37 4.96
C THR A 162 19.72 27.47 4.43
N ASP A 163 18.42 27.28 4.63
CA ASP A 163 17.40 28.24 4.22
C ASP A 163 17.10 29.11 5.44
N PRO A 164 17.59 30.36 5.46
CA PRO A 164 17.33 31.24 6.61
C PRO A 164 15.86 31.53 6.90
N LEU A 165 15.02 31.50 5.88
CA LEU A 165 13.59 31.76 6.09
C LEU A 165 12.94 30.61 6.84
N ALA A 166 13.52 29.41 6.72
CA ALA A 166 12.99 28.25 7.43
C ALA A 166 13.19 28.46 8.93
N THR A 167 14.38 28.92 9.31
CA THR A 167 14.67 29.16 10.72
C THR A 167 13.77 30.28 11.26
N ALA A 168 13.55 31.31 10.46
CA ALA A 168 12.70 32.43 10.88
C ALA A 168 11.28 31.93 11.11
N LYS A 169 10.83 31.03 10.24
CA LYS A 169 9.49 30.45 10.34
C LYS A 169 9.35 29.68 11.65
N LEU A 170 10.35 28.86 11.95
CA LEU A 170 10.37 28.06 13.17
C LEU A 170 10.26 28.92 14.42
N ILE A 171 11.11 29.95 14.49
CA ILE A 171 11.11 30.85 15.63
C ILE A 171 9.78 31.57 15.80
N ALA A 172 9.22 32.09 14.70
CA ALA A 172 7.96 32.80 14.75
C ALA A 172 6.80 31.89 15.18
N ASN A 173 6.81 30.67 14.67
CA ASN A 173 5.75 29.71 15.00
C ASN A 173 5.68 29.33 16.47
N LEU A 174 6.82 29.33 17.15
CA LEU A 174 6.84 28.92 18.55
C LEU A 174 7.14 30.05 19.53
N LYS A 175 7.12 31.29 19.05
CA LYS A 175 7.38 32.44 19.91
C LYS A 175 6.45 32.48 21.11
N GLU A 176 5.21 32.04 20.91
CA GLU A 176 4.20 32.01 21.96
C GLU A 176 4.57 31.16 23.17
N TYR A 177 5.48 30.20 22.97
CA TYR A 177 5.94 29.35 24.07
C TYR A 177 7.12 30.06 24.73
N SER A 178 6.79 30.99 25.63
CA SER A 178 7.79 31.80 26.32
C SER A 178 8.82 31.03 27.15
N GLY A 179 8.52 29.78 27.48
CA GLY A 179 9.47 28.99 28.26
C GLY A 179 10.53 28.39 27.37
N LEU A 180 10.36 28.57 26.07
CA LEU A 180 11.29 28.04 25.08
C LEU A 180 12.05 29.13 24.33
N THR A 181 13.36 29.04 24.36
CA THR A 181 14.22 29.99 23.67
C THR A 181 14.78 29.31 22.43
N ILE A 182 14.55 29.91 21.26
CA ILE A 182 15.05 29.36 20.01
C ILE A 182 15.88 30.43 19.31
N ARG A 183 17.17 30.15 19.13
CA ARG A 183 18.04 31.11 18.47
C ARG A 183 18.72 30.50 17.25
N ARG A 184 18.96 31.36 16.28
CA ARG A 184 19.58 31.01 15.01
C ARG A 184 21.10 30.98 15.11
N ALA A 185 21.71 29.91 14.61
CA ALA A 185 23.15 29.76 14.59
C ALA A 185 23.54 29.89 13.12
N SER A 186 24.81 30.14 12.83
CA SER A 186 25.23 30.33 11.45
C SER A 186 25.84 29.09 10.77
N SER A 187 25.94 27.99 11.50
CA SER A 187 26.47 26.74 10.96
C SER A 187 26.07 25.60 11.88
N VAL A 188 26.20 24.38 11.38
CA VAL A 188 25.85 23.19 12.16
C VAL A 188 26.80 23.04 13.34
N ALA A 189 28.09 23.23 13.08
CA ALA A 189 29.10 23.11 14.13
C ALA A 189 28.80 24.06 15.28
N GLU A 190 28.44 25.30 14.95
CA GLU A 190 28.11 26.30 15.96
C GLU A 190 26.86 25.91 16.73
N ALA A 191 25.86 25.40 16.01
CA ALA A 191 24.59 25.01 16.61
C ALA A 191 24.65 23.87 17.62
N VAL A 192 25.50 22.87 17.36
CA VAL A 192 25.58 21.71 18.24
C VAL A 192 26.55 21.84 19.41
N LYS A 193 27.36 22.88 19.42
CA LYS A 193 28.34 23.08 20.49
C LYS A 193 27.68 23.10 21.87
N GLY A 194 28.06 22.15 22.72
CA GLY A 194 27.52 22.10 24.07
C GLY A 194 26.06 21.72 24.28
N VAL A 195 25.44 21.12 23.27
CA VAL A 195 24.04 20.72 23.43
C VAL A 195 23.93 19.31 24.00
N ASP A 196 22.81 19.01 24.63
CA ASP A 196 22.58 17.69 25.22
C ASP A 196 21.97 16.73 24.22
N ILE A 197 21.23 17.29 23.26
CA ILE A 197 20.58 16.50 22.23
C ILE A 197 20.72 17.18 20.88
N ILE A 198 20.98 16.39 19.84
CA ILE A 198 21.08 16.92 18.49
C ILE A 198 19.99 16.24 17.67
N THR A 199 19.06 17.04 17.16
CA THR A 199 18.00 16.50 16.33
C THR A 199 18.28 16.97 14.90
N THR A 200 18.41 16.01 13.99
CA THR A 200 18.63 16.35 12.60
C THR A 200 17.43 15.93 11.77
N VAL A 201 16.85 16.90 11.08
CA VAL A 201 15.69 16.66 10.23
C VAL A 201 15.90 17.40 8.92
N THR A 202 17.05 17.17 8.29
CA THR A 202 17.35 17.83 7.02
C THR A 202 16.85 16.94 5.88
N ALA A 203 16.54 17.56 4.75
CA ALA A 203 16.06 16.82 3.59
C ALA A 203 16.99 17.03 2.41
N ASP A 204 17.74 16.00 2.09
CA ASP A 204 18.68 16.04 0.97
C ASP A 204 18.84 14.60 0.53
N LYS A 205 18.45 14.30 -0.70
CA LYS A 205 18.56 12.94 -1.19
C LYS A 205 19.99 12.64 -1.61
N ALA A 206 20.84 12.35 -0.62
CA ALA A 206 22.24 12.04 -0.85
C ALA A 206 22.93 11.71 0.47
N TYR A 207 24.18 11.27 0.38
CA TYR A 207 24.97 10.95 1.57
C TYR A 207 25.52 12.26 2.10
N ALA A 208 25.01 12.71 3.24
CA ALA A 208 25.47 13.96 3.81
C ALA A 208 26.11 13.73 5.17
N THR A 209 27.11 14.54 5.48
CA THR A 209 27.76 14.44 6.78
C THR A 209 27.40 15.68 7.56
N ILE A 210 26.11 15.82 7.84
CA ILE A 210 25.60 16.95 8.62
C ILE A 210 26.38 16.97 9.92
N ILE A 211 26.51 15.79 10.53
CA ILE A 211 27.23 15.65 11.78
C ILE A 211 28.51 14.84 11.58
N THR A 212 29.63 15.42 11.97
CA THR A 212 30.92 14.74 11.86
C THR A 212 31.38 14.39 13.27
N PRO A 213 32.25 13.37 13.39
CA PRO A 213 32.74 12.96 14.71
C PRO A 213 33.39 14.04 15.58
N ASP A 214 34.02 15.03 14.95
CA ASP A 214 34.66 16.10 15.70
C ASP A 214 33.66 16.98 16.46
N LEU A 216 31.09 15.65 18.14
CA LEU A 216 30.62 14.88 19.29
C LEU A 216 31.25 15.27 20.62
N GLU A 217 30.40 15.29 21.64
CA GLU A 217 30.79 15.60 23.01
C GLU A 217 30.21 14.48 23.87
N PRO A 218 30.95 14.03 24.89
CA PRO A 218 30.42 12.96 25.73
C PRO A 218 29.03 13.25 26.29
N GLY A 219 28.20 12.22 26.33
CA GLY A 219 26.86 12.37 26.87
C GLY A 219 25.75 12.83 25.93
N HIS A 221 22.95 12.81 22.90
CA HIS A 221 21.99 11.89 22.34
C HIS A 221 21.66 12.47 20.98
N LEU A 222 21.75 11.65 19.93
CA LEU A 222 21.43 12.12 18.58
C LEU A 222 20.12 11.52 18.09
N ASN A 223 19.17 12.41 17.81
CA ASN A 223 17.84 12.07 17.31
C ASN A 223 17.98 12.28 15.80
N ALA A 224 18.51 11.26 15.10
CA ALA A 224 18.76 11.34 13.66
C ALA A 224 17.52 10.91 12.88
N VAL A 225 16.73 11.89 12.48
CA VAL A 225 15.47 11.65 11.78
C VAL A 225 15.44 11.86 10.26
N GLY A 226 16.25 12.80 9.76
CA GLY A 226 16.29 13.12 8.34
C GLY A 226 16.58 12.04 7.31
N GLY A 227 17.63 11.26 7.52
CA GLY A 227 17.96 10.19 6.59
C GLY A 227 16.95 9.08 6.74
N ASP A 228 16.44 8.53 5.65
CA ASP A 228 15.43 7.48 5.80
C ASP A 228 15.27 6.65 4.54
N CYS A 229 16.35 6.54 3.79
CA CYS A 229 16.30 5.80 2.54
C CYS A 229 17.72 5.42 2.16
N PRO A 230 17.89 4.32 1.41
CA PRO A 230 19.26 3.96 1.03
C PRO A 230 19.87 5.11 0.23
N GLY A 231 21.11 5.46 0.55
CA GLY A 231 21.77 6.55 -0.14
C GLY A 231 21.41 7.93 0.40
N LYS A 232 20.64 7.96 1.49
CA LYS A 232 20.21 9.21 2.10
C LYS A 232 20.51 9.18 3.59
N THR A 233 21.62 9.78 3.97
CA THR A 233 22.08 9.80 5.36
C THR A 233 22.46 11.21 5.81
N GLU A 234 22.57 11.40 7.12
CA GLU A 234 22.93 12.69 7.70
C GLU A 234 24.18 12.61 8.57
N LEU A 235 24.49 11.42 9.06
CA LEU A 235 25.65 11.25 9.95
C LEU A 235 26.87 10.61 9.30
N HIS A 236 28.05 11.09 9.68
CA HIS A 236 29.28 10.52 9.19
C HIS A 236 29.31 9.15 9.84
N ALA A 237 29.75 8.13 9.11
CA ALA A 237 29.80 6.77 9.65
C ALA A 237 30.54 6.65 10.98
N ASP A 238 31.57 7.46 11.17
CA ASP A 238 32.35 7.40 12.39
C ASP A 238 31.63 7.97 13.61
N VAL A 239 30.53 8.67 13.39
CA VAL A 239 29.74 9.20 14.50
C VAL A 239 29.06 7.99 15.14
N LEU A 240 28.64 7.06 14.29
CA LEU A 240 27.98 5.83 14.73
C LEU A 240 28.94 4.91 15.48
N ARG A 241 30.19 4.88 15.02
CA ARG A 241 31.19 4.03 15.66
C ARG A 241 31.48 4.46 17.10
N ASN A 242 31.17 5.72 17.41
CA ASN A 242 31.40 6.25 18.75
C ASN A 242 30.15 6.26 19.62
N ALA A 243 29.17 5.42 19.29
CA ALA A 243 27.94 5.42 20.07
C ALA A 243 27.20 4.11 20.14
N ARG A 244 26.20 4.07 21.02
CA ARG A 244 25.34 2.91 21.18
C ARG A 244 24.19 3.32 20.27
N VAL A 245 23.91 2.50 19.27
CA VAL A 245 22.89 2.81 18.28
C VAL A 245 21.59 2.03 18.46
N PHE A 246 20.48 2.76 18.43
CA PHE A 246 19.15 2.18 18.62
C PHE A 246 18.31 2.30 17.35
N VAL A 247 17.52 1.26 17.08
CA VAL A 247 16.69 1.24 15.88
C VAL A 247 15.23 0.87 16.15
N GLU A 248 14.40 1.05 15.14
CA GLU A 248 12.98 0.70 15.22
C GLU A 248 12.90 -0.77 14.78
N TYR A 249 12.68 -1.01 13.49
CA TYR A 249 12.60 -2.38 12.96
C TYR A 249 13.92 -2.64 12.22
N GLU A 250 14.80 -3.38 12.88
CA GLU A 250 16.14 -3.68 12.38
C GLU A 250 16.31 -4.08 10.91
N PRO A 251 15.49 -5.02 10.41
CA PRO A 251 15.64 -5.42 9.01
C PRO A 251 15.50 -4.23 8.04
N GLN A 252 14.58 -3.34 8.34
CA GLN A 252 14.33 -2.17 7.49
C GLN A 252 15.41 -1.11 7.68
N THR A 253 15.78 -0.85 8.93
CA THR A 253 16.79 0.16 9.24
C THR A 253 18.18 -0.19 8.69
N ARG A 254 18.50 -1.48 8.63
CA ARG A 254 19.80 -1.90 8.11
C ARG A 254 19.94 -1.42 6.66
N ILE A 255 18.80 -1.25 6.00
CA ILE A 255 18.77 -0.82 4.61
C ILE A 255 18.64 0.69 4.41
N GLU A 256 17.77 1.30 5.21
CA GLU A 256 17.50 2.74 5.07
C GLU A 256 18.13 3.68 6.07
N GLY A 257 18.55 3.17 7.21
CA GLY A 257 19.11 4.03 8.24
C GLY A 257 20.56 4.43 8.10
N GLU A 258 21.03 5.23 9.06
CA GLU A 258 22.41 5.67 9.09
C GLU A 258 23.33 4.45 9.10
N ILE A 259 22.88 3.37 9.73
CA ILE A 259 23.69 2.15 9.82
C ILE A 259 23.92 1.44 8.48
N GLN A 260 23.30 1.94 7.42
CA GLN A 260 23.50 1.33 6.10
C GLN A 260 24.96 1.55 5.70
N GLN A 261 25.61 2.49 6.37
CA GLN A 261 27.01 2.82 6.09
C GLN A 261 27.99 1.97 6.90
N LEU A 262 27.45 1.11 7.76
CA LEU A 262 28.30 0.27 8.61
C LEU A 262 28.18 -1.21 8.27
N PRO A 263 29.12 -2.02 8.79
CA PRO A 263 29.10 -3.46 8.54
C PRO A 263 27.77 -4.06 8.93
N ALA A 264 27.34 -5.09 8.21
CA ALA A 264 26.07 -5.75 8.50
C ALA A 264 26.08 -6.30 9.92
N ASP A 265 27.28 -6.53 10.45
CA ASP A 265 27.43 -7.07 11.80
C ASP A 265 27.52 -5.99 12.88
N PHE A 266 27.55 -4.72 12.47
CA PHE A 266 27.62 -3.63 13.44
C PHE A 266 26.47 -3.77 14.43
N PRO A 267 26.78 -3.84 15.73
CA PRO A 267 25.75 -3.98 16.77
C PRO A 267 24.80 -2.80 16.95
N VAL A 268 23.50 -3.12 17.01
CA VAL A 268 22.48 -2.12 17.23
C VAL A 268 21.53 -2.65 18.30
N VAL A 269 20.73 -1.76 18.87
CA VAL A 269 19.80 -2.13 19.94
C VAL A 269 18.36 -1.84 19.51
N ASP A 270 17.47 -2.81 19.71
CA ASP A 270 16.07 -2.63 19.34
C ASP A 270 15.38 -1.77 20.39
N LEU A 271 14.81 -0.65 19.97
CA LEU A 271 14.13 0.25 20.88
C LEU A 271 13.04 -0.42 21.70
N TRP A 272 12.24 -1.28 21.08
CA TRP A 272 11.18 -1.93 21.83
C TRP A 272 11.70 -2.73 23.01
N ARG A 273 12.88 -3.33 22.85
CA ARG A 273 13.47 -4.12 23.93
C ARG A 273 13.96 -3.23 25.06
N VAL A 274 14.36 -2.01 24.72
CA VAL A 274 14.81 -1.06 25.73
C VAL A 274 13.58 -0.69 26.57
N LEU A 275 12.49 -0.38 25.88
CA LEU A 275 11.24 -0.02 26.53
C LEU A 275 10.72 -1.16 27.43
N ARG A 276 10.97 -2.40 27.04
CA ARG A 276 10.53 -3.56 27.84
C ARG A 276 11.50 -3.81 28.99
N GLY A 277 12.67 -3.19 28.93
CA GLY A 277 13.66 -3.40 29.97
C GLY A 277 14.47 -4.68 29.79
N GLU A 278 14.51 -5.18 28.55
CA GLU A 278 15.24 -6.41 28.24
C GLU A 278 16.71 -6.11 27.91
N THR A 279 16.96 -4.86 27.55
CA THR A 279 18.31 -4.41 27.22
C THR A 279 18.41 -2.95 27.61
N GLU A 280 19.63 -2.48 27.90
CA GLU A 280 19.84 -1.11 28.32
C GLU A 280 19.70 -0.05 27.23
N GLY A 281 19.26 1.14 27.66
CA GLY A 281 19.16 2.27 26.76
C GLY A 281 20.50 2.93 27.02
N ARG A 282 20.50 4.07 27.71
CA ARG A 282 21.76 4.76 28.02
C ARG A 282 22.42 3.97 29.15
N GLN A 283 23.73 3.75 29.04
CA GLN A 283 24.47 2.98 30.04
C GLN A 283 25.40 3.81 30.91
N SER A 284 25.67 5.04 30.48
CA SER A 284 26.55 5.95 31.22
C SER A 284 26.27 7.38 30.85
N ASP A 285 26.63 8.31 31.73
CA ASP A 285 26.39 9.73 31.44
C ASP A 285 27.23 10.25 30.28
N SER A 286 28.41 9.68 30.08
CA SER A 286 29.30 10.13 29.00
C SER A 286 29.09 9.42 27.67
N GLN A 287 28.26 8.40 27.66
CA GLN A 287 27.99 7.66 26.44
C GLN A 287 27.30 8.54 25.40
N VAL A 288 27.51 8.22 24.13
CA VAL A 288 26.85 8.94 23.05
C VAL A 288 25.82 7.94 22.55
N THR A 289 24.56 8.36 22.52
CA THR A 289 23.50 7.48 22.05
C THR A 289 22.95 8.03 20.74
N VAL A 290 22.58 7.14 19.83
CA VAL A 290 22.02 7.55 18.55
C VAL A 290 20.76 6.78 18.24
N PHE A 291 19.66 7.51 18.00
CA PHE A 291 18.42 6.89 17.60
C PHE A 291 18.42 7.03 16.09
N ASP A 292 18.70 5.94 15.40
CA ASP A 292 18.76 5.88 13.94
C ASP A 292 17.32 5.70 13.46
N SER A 293 16.59 6.81 13.36
CA SER A 293 15.18 6.81 13.00
C SER A 293 14.87 6.93 11.52
N VAL A 294 14.08 6.01 10.98
CA VAL A 294 13.71 6.08 9.58
C VAL A 294 12.20 6.04 9.40
N GLY A 295 11.51 5.71 10.49
CA GLY A 295 10.06 5.61 10.46
C GLY A 295 9.67 4.16 10.28
N PHE A 296 8.60 3.72 10.94
CA PHE A 296 8.18 2.32 10.83
C PHE A 296 6.66 2.25 10.93
N ALA A 297 6.07 1.37 10.12
CA ALA A 297 4.62 1.19 10.06
C ALA A 297 3.85 1.11 11.38
N LEU A 298 4.46 0.52 12.41
CA LEU A 298 3.77 0.42 13.69
C LEU A 298 3.39 1.80 14.22
N GLU A 299 4.24 2.78 13.98
CA GLU A 299 3.99 4.14 14.44
C GLU A 299 2.77 4.74 13.75
N ASP A 300 2.58 4.40 12.48
CA ASP A 300 1.44 4.90 11.73
C ASP A 300 0.17 4.17 12.14
N TYR A 301 0.33 2.91 12.53
CA TYR A 301 -0.77 2.08 13.01
C TYR A 301 -1.31 2.76 14.28
N THR A 302 -0.39 3.13 15.17
CA THR A 302 -0.77 3.77 16.43
C THR A 302 -1.47 5.10 16.22
N VAL A 303 -0.92 5.95 15.36
CA VAL A 303 -1.55 7.25 15.14
C VAL A 303 -2.91 7.12 14.44
N LEU A 304 -3.07 6.12 13.58
CA LEU A 304 -4.36 5.92 12.91
C LEU A 304 -5.42 5.52 13.94
N ARG A 305 -5.05 4.66 14.88
CA ARG A 305 -6.00 4.23 15.91
C ARG A 305 -6.35 5.40 16.81
N TYR A 306 -5.34 6.20 17.14
CA TYR A 306 -5.52 7.37 17.99
C TYR A 306 -6.44 8.37 17.30
N VAL A 307 -6.16 8.66 16.03
CA VAL A 307 -6.98 9.61 15.27
C VAL A 307 -8.44 9.14 15.19
N LEU A 308 -8.64 7.84 14.97
CA LEU A 308 -10.00 7.31 14.89
C LEU A 308 -10.76 7.53 16.19
N GLN A 309 -10.10 7.23 17.31
CA GLN A 309 -10.70 7.39 18.63
C GLN A 309 -11.04 8.86 18.92
N GLN A 310 -10.10 9.75 18.61
CA GLN A 310 -10.28 11.17 18.84
C GLN A 310 -11.36 11.78 17.94
N ALA A 311 -11.42 11.33 16.70
CA ALA A 311 -12.41 11.85 15.77
C ALA A 311 -13.80 11.32 16.13
N GLU A 312 -13.86 10.05 16.51
CA GLU A 312 -15.12 9.40 16.85
C GLU A 312 -15.85 10.07 18.02
N LYS A 313 -15.13 10.42 19.08
CA LYS A 313 -15.80 11.04 20.22
C LYS A 313 -16.24 12.49 19.94
N ARG A 314 -15.75 13.05 18.84
CA ARG A 314 -16.11 14.42 18.45
C ARG A 314 -17.09 14.40 17.28
N GLY A 315 -17.45 13.20 16.82
CA GLY A 315 -18.37 13.08 15.70
C GLY A 315 -17.79 13.67 14.42
N GLY A 317 -15.48 13.58 10.82
CA GLY A 317 -15.19 12.67 9.73
C GLY A 317 -16.37 12.55 8.79
N THR A 318 -16.11 12.14 7.55
CA THR A 318 -17.17 12.00 6.57
C THR A 318 -17.22 10.58 6.04
N LYS A 319 -18.43 10.08 5.82
CA LYS A 319 -18.59 8.73 5.30
C LYS A 319 -18.35 8.75 3.79
N ILE A 320 -17.61 7.76 3.30
CA ILE A 320 -17.35 7.66 1.85
C ILE A 320 -17.61 6.24 1.40
N ASP A 321 -18.02 6.10 0.14
CA ASP A 321 -18.27 4.78 -0.42
C ASP A 321 -17.03 4.32 -1.18
N LEU A 322 -16.05 3.84 -0.42
CA LEU A 322 -14.79 3.36 -0.97
C LEU A 322 -14.92 1.94 -1.50
N VAL A 323 -15.62 1.10 -0.74
CA VAL A 323 -15.85 -0.30 -1.12
C VAL A 323 -17.28 -0.66 -0.72
N PRO A 324 -17.81 -1.76 -1.25
CA PRO A 324 -19.18 -2.15 -0.91
C PRO A 324 -19.26 -2.54 0.57
N TRP A 325 -20.40 -2.32 1.20
CA TRP A 325 -20.55 -2.74 2.59
C TRP A 325 -21.45 -3.97 2.56
N VAL A 326 -22.37 -4.11 3.50
CA VAL A 326 -23.24 -5.28 3.49
C VAL A 326 -24.33 -5.17 2.44
N GLU A 327 -24.58 -6.26 1.72
CA GLU A 327 -25.59 -6.28 0.67
C GLU A 327 -26.41 -7.57 0.73
N ASP A 328 -27.61 -7.54 0.17
CA ASP A 328 -28.48 -8.72 0.17
C ASP A 328 -27.77 -9.90 -0.47
N ASP A 329 -27.11 -9.66 -1.60
CA ASP A 329 -26.37 -10.72 -2.29
C ASP A 329 -24.95 -10.23 -2.60
N PRO A 330 -24.00 -10.53 -1.71
CA PRO A 330 -22.61 -10.11 -1.91
C PRO A 330 -21.93 -10.76 -3.11
N LYS A 331 -22.58 -11.74 -3.72
CA LYS A 331 -22.01 -12.40 -4.89
C LYS A 331 -22.47 -11.74 -6.18
N ASP A 332 -23.34 -10.75 -6.06
CA ASP A 332 -23.86 -10.04 -7.24
C ASP A 332 -23.19 -8.68 -7.41
N LEU A 333 -21.92 -8.71 -7.81
CA LEU A 333 -21.18 -7.49 -8.03
C LEU A 333 -21.63 -6.86 -9.34
N PHE A 334 -22.08 -7.70 -10.27
CA PHE A 334 -22.54 -7.25 -11.58
C PHE A 334 -23.66 -6.23 -11.50
N SER A 335 -24.50 -6.33 -10.48
CA SER A 335 -25.62 -5.39 -10.32
C SER A 335 -25.10 -3.96 -10.24
N HIS A 336 -23.85 -3.79 -9.81
CA HIS A 336 -23.25 -2.46 -9.70
C HIS A 336 -22.86 -1.85 -11.06
N THR A 337 -22.95 -2.62 -12.13
CA THR A 337 -22.58 -2.09 -13.44
C THR A 337 -23.75 -1.42 -14.14
N ARG A 338 -24.92 -1.44 -13.49
CA ARG A 338 -26.11 -0.85 -14.07
C ARG A 338 -26.32 0.61 -13.68
N GLY A 339 -25.29 1.22 -13.11
CA GLY A 339 -25.38 2.61 -12.69
C GLY A 339 -25.89 2.71 -11.26
N ARG A 340 -25.63 3.83 -10.60
CA ARG A 340 -26.07 3.97 -9.22
C ARG A 340 -27.60 3.91 -9.09
N ALA A 341 -28.34 4.23 -10.16
CA ALA A 341 -29.80 4.20 -10.15
C ALA A 341 -30.32 2.78 -10.41
N GLY A 342 -29.69 2.12 -11.37
CA GLY A 342 -30.08 0.76 -11.72
C GLY A 342 -29.76 -0.24 -10.64
N MET B 1 -5.34 18.69 -6.04
CA MET B 1 -6.04 18.04 -7.13
C MET B 1 -6.02 16.50 -7.06
N THR B 2 -6.49 15.97 -5.94
CA THR B 2 -6.61 14.50 -5.79
C THR B 2 -8.07 14.25 -6.10
N TYR B 3 -8.33 13.52 -7.17
CA TYR B 3 -9.69 13.20 -7.57
C TYR B 3 -10.09 11.89 -6.93
N PHE B 4 -11.37 11.77 -6.60
CA PHE B 4 -11.91 10.57 -5.96
C PHE B 4 -13.10 10.00 -6.72
N ILE B 5 -13.02 8.72 -7.05
CA ILE B 5 -14.10 8.03 -7.75
C ILE B 5 -14.61 6.97 -6.78
N ASP B 6 -15.78 7.21 -6.20
CA ASP B 6 -16.35 6.24 -5.25
C ASP B 6 -17.12 5.14 -5.96
N VAL B 7 -17.72 4.25 -5.17
CA VAL B 7 -18.47 3.12 -5.73
C VAL B 7 -19.59 3.54 -6.69
N PRO B 8 -20.54 4.37 -6.26
CA PRO B 8 -21.60 4.76 -7.18
C PRO B 8 -21.13 5.51 -8.43
N THR B 9 -20.03 6.26 -8.30
CA THR B 9 -19.51 6.99 -9.45
C THR B 9 -18.90 6.01 -10.45
N SER B 11 -19.84 3.04 -10.74
CA SER B 11 -21.01 2.35 -11.26
C SER B 11 -21.56 3.14 -12.46
N ASP B 12 -21.65 4.45 -12.32
CA ASP B 12 -22.13 5.28 -13.42
C ASP B 12 -21.16 5.26 -14.60
N LEU B 13 -19.87 5.25 -14.30
CA LEU B 13 -18.85 5.25 -15.34
C LEU B 13 -18.93 3.96 -16.15
N VAL B 14 -18.98 2.83 -15.46
CA VAL B 14 -19.05 1.54 -16.14
C VAL B 14 -20.34 1.43 -16.94
N HIS B 15 -21.45 1.90 -16.37
CA HIS B 15 -22.73 1.85 -17.07
C HIS B 15 -22.68 2.67 -18.34
N ASP B 16 -22.03 3.83 -18.27
CA ASP B 16 -21.93 4.72 -19.43
C ASP B 16 -21.11 4.09 -20.55
N ILE B 17 -19.92 3.62 -20.22
CA ILE B 17 -19.05 2.98 -21.20
C ILE B 17 -19.64 1.67 -21.68
N GLY B 18 -20.24 0.92 -20.76
CA GLY B 18 -20.80 -0.38 -21.08
C GLY B 18 -19.79 -1.42 -20.63
N VAL B 19 -20.27 -2.50 -20.02
CA VAL B 19 -19.36 -3.53 -19.54
C VAL B 19 -18.53 -4.17 -20.65
N ALA B 20 -19.17 -4.48 -21.77
CA ALA B 20 -18.47 -5.11 -22.88
C ALA B 20 -17.34 -4.22 -23.42
N PRO B 21 -17.65 -2.97 -23.76
CA PRO B 21 -16.59 -2.08 -24.28
C PRO B 21 -15.50 -1.84 -23.25
N PHE B 22 -15.90 -1.71 -21.99
CA PHE B 22 -14.95 -1.46 -20.91
C PHE B 22 -13.92 -2.59 -20.88
N ILE B 23 -14.40 -3.83 -20.92
CA ILE B 23 -13.51 -4.99 -20.90
C ILE B 23 -12.65 -5.06 -22.16
N GLY B 24 -13.26 -4.81 -23.31
CA GLY B 24 -12.54 -4.86 -24.56
C GLY B 24 -11.44 -3.84 -24.65
N GLU B 25 -11.76 -2.59 -24.30
CA GLU B 25 -10.78 -1.52 -24.34
C GLU B 25 -9.69 -1.74 -23.31
N LEU B 26 -10.07 -2.27 -22.15
CA LEU B 26 -9.11 -2.53 -21.10
C LEU B 26 -8.14 -3.65 -21.49
N ALA B 27 -8.66 -4.69 -22.14
CA ALA B 27 -7.80 -5.80 -22.58
C ALA B 27 -6.74 -5.30 -23.55
N ALA B 28 -7.13 -4.38 -24.42
CA ALA B 28 -6.19 -3.81 -25.38
C ALA B 28 -5.13 -3.01 -24.65
N ALA B 29 -5.56 -2.23 -23.66
CA ALA B 29 -4.64 -1.40 -22.87
C ALA B 29 -3.71 -2.30 -22.06
N LEU B 30 -4.25 -3.40 -21.54
CA LEU B 30 -3.44 -4.32 -20.75
C LEU B 30 -2.38 -4.98 -21.64
N ARG B 31 -2.79 -5.34 -22.85
CA ARG B 31 -1.87 -5.98 -23.79
C ARG B 31 -0.67 -5.07 -24.07
N ASP B 32 -0.93 -3.79 -24.31
CA ASP B 32 0.16 -2.86 -24.59
C ASP B 32 1.07 -2.67 -23.38
N ASP B 33 0.49 -2.60 -22.18
CA ASP B 33 1.30 -2.43 -20.98
C ASP B 33 2.15 -3.68 -20.75
N PHE B 34 1.58 -4.86 -20.95
CA PHE B 34 2.34 -6.10 -20.77
C PHE B 34 3.51 -6.14 -21.75
N LYS B 35 3.32 -5.61 -22.95
CA LYS B 35 4.42 -5.61 -23.92
C LYS B 35 5.54 -4.70 -23.43
N ARG B 36 5.19 -3.69 -22.63
CA ARG B 36 6.16 -2.76 -22.09
C ARG B 36 6.63 -3.23 -20.70
N TRP B 37 6.46 -4.52 -20.45
CA TRP B 37 6.83 -5.16 -19.19
C TRP B 37 8.12 -4.69 -18.54
N GLN B 38 9.21 -4.67 -19.31
CA GLN B 38 10.51 -4.29 -18.78
C GLN B 38 10.70 -2.81 -18.42
N ALA B 39 9.68 -1.99 -18.67
CA ALA B 39 9.77 -0.58 -18.34
C ALA B 39 9.25 -0.32 -16.92
N PHE B 40 8.68 -1.35 -16.30
CA PHE B 40 8.09 -1.21 -14.96
C PHE B 40 8.93 -1.67 -13.77
N ASP B 41 8.80 -0.95 -12.66
CA ASP B 41 9.47 -1.29 -11.41
C ASP B 41 8.48 -2.25 -10.77
N LYS B 42 8.77 -3.54 -10.91
CA LYS B 42 7.88 -4.59 -10.41
C LYS B 42 8.32 -5.24 -9.10
N SER B 43 7.33 -5.73 -8.36
CA SER B 43 7.58 -6.39 -7.09
C SER B 43 6.41 -7.29 -6.75
N ALA B 44 6.66 -8.34 -5.98
CA ALA B 44 5.60 -9.24 -5.56
C ALA B 44 4.79 -8.46 -4.54
N ARG B 45 3.47 -8.56 -4.60
CA ARG B 45 2.64 -7.83 -3.64
C ARG B 45 2.90 -8.28 -2.21
N VAL B 46 2.73 -7.36 -1.27
CA VAL B 46 2.94 -7.65 0.14
C VAL B 46 1.64 -8.18 0.72
N ALA B 47 1.70 -9.36 1.33
CA ALA B 47 0.51 -9.98 1.90
C ALA B 47 0.58 -10.13 3.41
N SER B 48 -0.53 -9.81 4.07
CA SER B 48 -0.64 -9.94 5.52
C SER B 48 -1.72 -10.99 5.73
N HIS B 49 -1.30 -12.19 6.08
CA HIS B 49 -2.23 -13.31 6.28
C HIS B 49 -2.89 -13.35 7.65
N SER B 50 -4.16 -13.75 7.66
CA SER B 50 -4.90 -13.89 8.90
C SER B 50 -5.60 -15.25 8.87
N GLU B 51 -6.33 -15.55 9.94
CA GLU B 51 -7.03 -16.82 10.06
C GLU B 51 -7.99 -17.14 8.91
N VAL B 52 -8.82 -16.16 8.55
CA VAL B 52 -9.80 -16.38 7.48
C VAL B 52 -9.59 -15.59 6.19
N GLY B 53 -8.47 -14.90 6.07
CA GLY B 53 -8.27 -14.14 4.86
C GLY B 53 -6.88 -13.57 4.70
N VAL B 54 -6.78 -12.56 3.84
CA VAL B 54 -5.51 -11.90 3.58
C VAL B 54 -5.78 -10.48 3.12
N ILE B 55 -4.85 -9.58 3.42
CA ILE B 55 -4.96 -8.19 3.03
C ILE B 55 -3.64 -7.91 2.32
N GLU B 56 -3.71 -7.40 1.10
CA GLU B 56 -2.49 -7.16 0.33
C GLU B 56 -2.38 -5.78 -0.27
N LEU B 57 -1.14 -5.36 -0.52
CA LEU B 57 -0.85 -4.08 -1.15
C LEU B 57 -0.11 -4.46 -2.43
N PRO B 59 1.83 -2.64 -5.36
CA PRO B 59 2.44 -1.48 -6.03
C PRO B 59 3.16 -1.83 -7.32
N VAL B 60 3.30 -0.83 -8.19
CA VAL B 60 4.01 -0.95 -9.47
C VAL B 60 4.21 0.46 -9.99
N ALA B 61 5.21 0.67 -10.84
CA ALA B 61 5.44 2.00 -11.37
C ALA B 61 6.38 2.03 -12.55
N ASP B 62 6.32 3.11 -13.33
CA ASP B 62 7.24 3.31 -14.43
C ASP B 62 7.93 4.63 -14.10
N LYS B 63 8.54 5.29 -15.07
CA LYS B 63 9.23 6.54 -14.76
C LYS B 63 8.35 7.75 -14.49
N SER B 64 7.06 7.68 -14.82
CA SER B 64 6.20 8.83 -14.60
C SER B 64 5.00 8.59 -13.69
N ARG B 65 4.51 7.35 -13.65
CA ARG B 65 3.35 7.04 -12.82
C ARG B 65 3.54 5.90 -11.83
N TYR B 66 2.97 6.07 -10.65
CA TYR B 66 3.04 5.06 -9.59
C TYR B 66 1.60 4.64 -9.30
N ALA B 67 1.39 3.36 -9.05
CA ALA B 67 0.06 2.87 -8.73
C ALA B 67 0.12 1.74 -7.71
N PHE B 68 -0.94 1.63 -6.90
CA PHE B 68 -1.00 0.56 -5.93
C PHE B 68 -2.46 0.29 -5.64
N LYS B 69 -2.75 -0.95 -5.26
CA LYS B 69 -4.10 -1.33 -4.91
C LYS B 69 -4.09 -2.05 -3.58
N TYR B 70 -5.09 -1.73 -2.75
CA TYR B 70 -5.30 -2.37 -1.47
C TYR B 70 -6.38 -3.38 -1.81
N VAL B 71 -6.22 -4.63 -1.39
CA VAL B 71 -7.23 -5.64 -1.67
C VAL B 71 -7.22 -6.74 -0.63
N ASN B 72 -8.40 -7.26 -0.31
CA ASN B 72 -8.52 -8.34 0.66
C ASN B 72 -9.08 -9.55 -0.07
N GLY B 73 -8.94 -10.71 0.57
CA GLY B 73 -9.45 -11.95 0.01
C GLY B 73 -9.95 -12.80 1.15
N HIS B 74 -11.24 -12.69 1.43
CA HIS B 74 -11.89 -13.42 2.53
C HIS B 74 -13.08 -14.21 2.02
N PRO B 75 -12.86 -15.46 1.58
CA PRO B 75 -13.95 -16.29 1.07
C PRO B 75 -15.15 -16.39 2.00
N ALA B 76 -14.90 -16.37 3.30
CA ALA B 76 -15.98 -16.47 4.29
C ALA B 76 -16.84 -15.21 4.42
N ASN B 77 -16.42 -14.11 3.79
CA ASN B 77 -17.16 -12.87 3.87
C ASN B 77 -18.60 -12.95 3.38
N THR B 78 -18.84 -13.74 2.34
CA THR B 78 -20.19 -13.84 1.79
C THR B 78 -21.22 -14.37 2.80
N ALA B 79 -20.74 -15.14 3.77
CA ALA B 79 -21.62 -15.70 4.78
C ALA B 79 -22.10 -14.57 5.71
N ARG B 80 -21.37 -13.45 5.68
CA ARG B 80 -21.70 -12.27 6.49
C ARG B 80 -22.24 -11.14 5.63
N ASN B 81 -22.64 -11.47 4.41
CA ASN B 81 -23.18 -10.50 3.45
C ASN B 81 -22.16 -9.48 2.96
N LEU B 82 -20.88 -9.84 3.05
CA LEU B 82 -19.80 -8.98 2.58
C LEU B 82 -19.16 -9.62 1.36
N HIS B 83 -18.51 -8.80 0.53
CA HIS B 83 -17.84 -9.32 -0.66
C HIS B 83 -16.54 -10.02 -0.29
N THR B 84 -16.26 -11.13 -0.99
CA THR B 84 -15.04 -11.87 -0.76
C THR B 84 -13.86 -10.96 -1.10
N VAL B 85 -14.02 -10.18 -2.16
CA VAL B 85 -12.98 -9.26 -2.60
C VAL B 85 -13.43 -7.81 -2.57
N ALA B 87 -11.61 -3.78 -2.79
CA ALA B 87 -10.36 -3.11 -3.11
C ALA B 87 -10.52 -1.65 -3.50
N PHE B 88 -9.42 -0.91 -3.41
CA PHE B 88 -9.37 0.49 -3.81
C PHE B 88 -7.91 0.78 -4.12
N GLY B 89 -7.65 1.83 -4.88
CA GLY B 89 -6.27 2.12 -5.24
C GLY B 89 -6.00 3.57 -5.56
N VAL B 90 -4.72 3.85 -5.82
CA VAL B 90 -4.27 5.20 -6.10
C VAL B 90 -3.28 5.25 -7.27
N LEU B 91 -3.40 6.31 -8.07
CA LEU B 91 -2.50 6.54 -9.19
C LEU B 91 -1.80 7.83 -8.79
N ALA B 92 -0.47 7.82 -8.78
CA ALA B 92 0.28 8.99 -8.36
C ALA B 92 1.37 9.42 -9.32
N ASP B 93 1.81 10.67 -9.14
CA ASP B 93 2.86 11.26 -9.97
C ASP B 93 4.22 10.90 -9.37
N VAL B 94 5.05 10.23 -10.16
CA VAL B 94 6.37 9.80 -9.70
C VAL B 94 7.32 10.92 -9.31
N ASP B 95 7.36 12.00 -10.08
CA ASP B 95 8.29 13.09 -9.79
C ASP B 95 7.94 14.00 -8.62
N SER B 96 6.75 13.84 -8.04
CA SER B 96 6.33 14.67 -6.91
C SER B 96 5.78 13.82 -5.77
N GLY B 97 5.32 12.61 -6.11
CA GLY B 97 4.74 11.72 -5.12
C GLY B 97 3.28 12.07 -4.86
N TYR B 98 2.76 13.08 -5.55
CA TYR B 98 1.38 13.51 -5.36
C TYR B 98 0.35 12.52 -5.87
N PRO B 99 -0.63 12.15 -5.03
CA PRO B 99 -1.68 11.20 -5.41
C PRO B 99 -2.74 11.92 -6.25
N VAL B 100 -2.79 11.60 -7.55
CA VAL B 100 -3.73 12.24 -8.46
C VAL B 100 -5.14 11.66 -8.42
N LEU B 101 -5.24 10.35 -8.23
CA LEU B 101 -6.53 9.68 -8.19
C LEU B 101 -6.65 8.62 -7.09
N LEU B 102 -7.76 8.67 -6.35
CA LEU B 102 -8.07 7.66 -5.33
C LEU B 102 -9.34 7.06 -5.92
N SER B 103 -9.37 5.75 -6.11
CA SER B 103 -10.54 5.14 -6.71
C SER B 103 -10.96 3.80 -6.13
N GLU B 104 -12.27 3.55 -6.14
CA GLU B 104 -12.79 2.28 -5.69
C GLU B 104 -12.17 1.35 -6.72
N LEU B 105 -11.95 0.09 -6.36
CA LEU B 105 -11.39 -0.86 -7.31
C LEU B 105 -12.02 -2.24 -7.17
N THR B 106 -13.13 -2.33 -6.43
CA THR B 106 -13.82 -3.61 -6.28
C THR B 106 -14.46 -3.95 -7.62
N ILE B 107 -15.23 -3.02 -8.17
CA ILE B 107 -15.87 -3.24 -9.45
C ILE B 107 -14.77 -3.31 -10.51
N ALA B 108 -13.81 -2.39 -10.42
CA ALA B 108 -12.73 -2.34 -11.39
C ALA B 108 -11.86 -3.61 -11.39
N THR B 109 -11.73 -4.25 -10.23
CA THR B 109 -10.93 -5.47 -10.16
C THR B 109 -11.57 -6.58 -10.98
N ALA B 110 -12.89 -6.72 -10.87
CA ALA B 110 -13.60 -7.74 -11.64
C ALA B 110 -13.40 -7.46 -13.13
N LEU B 111 -13.45 -6.18 -13.49
CA LEU B 111 -13.27 -5.79 -14.88
C LEU B 111 -11.85 -6.06 -15.39
N ARG B 112 -10.84 -5.68 -14.61
CA ARG B 112 -9.47 -5.92 -15.06
C ARG B 112 -9.10 -7.40 -15.06
N THR B 113 -9.72 -8.18 -14.16
CA THR B 113 -9.44 -9.61 -14.09
C THR B 113 -10.05 -10.29 -15.31
N ALA B 114 -11.25 -9.86 -15.68
CA ALA B 114 -11.91 -10.43 -16.85
C ALA B 114 -11.11 -10.03 -18.10
N ALA B 115 -10.67 -8.79 -18.14
CA ALA B 115 -9.89 -8.29 -19.28
C ALA B 115 -8.53 -9.01 -19.38
N THR B 116 -7.91 -9.27 -18.24
CA THR B 116 -6.62 -9.97 -18.24
C THR B 116 -6.82 -11.41 -18.72
N SER B 117 -7.87 -12.08 -18.21
CA SER B 117 -8.15 -13.44 -18.64
C SER B 117 -8.44 -13.49 -20.14
N LEU B 118 -9.15 -12.47 -20.64
CA LEU B 118 -9.48 -12.38 -22.05
C LEU B 118 -8.20 -12.21 -22.88
N ALA B 120 -5.18 -13.06 -22.14
CA ALA B 120 -4.40 -14.29 -22.13
C ALA B 120 -5.01 -15.34 -23.04
N ALA B 121 -6.33 -15.48 -22.99
CA ALA B 121 -7.03 -16.45 -23.83
C ALA B 121 -6.88 -16.12 -25.31
N GLN B 122 -6.99 -14.83 -25.65
CA GLN B 122 -6.85 -14.44 -27.04
C GLN B 122 -5.51 -14.91 -27.57
N ALA B 123 -4.49 -14.88 -26.72
CA ALA B 123 -3.15 -15.29 -27.12
C ALA B 123 -2.84 -16.77 -26.95
N LEU B 124 -3.57 -17.45 -26.07
CA LEU B 124 -3.29 -18.86 -25.80
C LEU B 124 -4.30 -19.93 -26.23
N ALA B 125 -5.59 -19.59 -26.19
CA ALA B 125 -6.62 -20.55 -26.55
C ALA B 125 -6.71 -20.78 -28.05
N ARG B 126 -7.29 -21.91 -28.44
CA ARG B 126 -7.46 -22.21 -29.86
C ARG B 126 -8.48 -21.20 -30.38
N PRO B 127 -8.25 -20.65 -31.58
CA PRO B 127 -9.14 -19.67 -32.19
C PRO B 127 -10.59 -20.09 -32.44
N ASN B 128 -10.85 -21.40 -32.49
CA ASN B 128 -12.21 -21.86 -32.75
C ASN B 128 -13.09 -22.05 -31.51
N ALA B 129 -12.59 -21.64 -30.35
CA ALA B 129 -13.33 -21.78 -29.09
C ALA B 129 -14.75 -21.21 -29.14
N ARG B 130 -15.71 -21.95 -28.60
CA ARG B 130 -17.10 -21.50 -28.57
C ARG B 130 -17.84 -21.93 -27.32
N LYS B 131 -17.30 -22.92 -26.61
CA LYS B 131 -17.93 -23.42 -25.38
C LYS B 131 -16.99 -23.30 -24.20
N ALA B 133 -16.61 -23.64 -19.73
CA ALA B 133 -17.13 -24.08 -18.45
C ALA B 133 -16.80 -22.97 -17.47
N LEU B 134 -17.76 -22.59 -16.64
CA LEU B 134 -17.54 -21.53 -15.66
C LEU B 134 -17.81 -22.11 -14.27
N ILE B 135 -16.74 -22.49 -13.58
CA ILE B 135 -16.82 -23.05 -12.24
C ILE B 135 -16.65 -21.92 -11.24
N GLY B 136 -17.68 -21.69 -10.43
CA GLY B 136 -17.65 -20.60 -9.49
C GLY B 136 -18.51 -19.55 -10.17
N ASN B 137 -19.67 -19.24 -9.58
CA ASN B 137 -20.58 -18.28 -10.19
C ASN B 137 -20.84 -17.08 -9.28
N GLY B 138 -19.79 -16.63 -8.60
CA GLY B 138 -19.92 -15.51 -7.69
C GLY B 138 -19.68 -14.15 -8.34
N ALA B 139 -19.07 -13.24 -7.57
CA ALA B 139 -18.81 -11.88 -8.03
C ALA B 139 -18.06 -11.75 -9.35
N GLN B 140 -17.03 -12.56 -9.56
CA GLN B 140 -16.25 -12.47 -10.80
C GLN B 140 -16.93 -13.08 -12.02
N SER B 141 -17.78 -14.06 -11.79
CA SER B 141 -18.43 -14.80 -12.87
C SER B 141 -19.09 -14.05 -14.02
N GLU B 142 -19.97 -13.08 -13.72
CA GLU B 142 -20.62 -12.35 -14.80
C GLU B 142 -19.62 -11.61 -15.71
N PHE B 143 -18.58 -11.06 -15.10
CA PHE B 143 -17.57 -10.33 -15.85
C PHE B 143 -16.77 -11.26 -16.77
N GLN B 144 -16.39 -12.42 -16.24
CA GLN B 144 -15.65 -13.40 -17.02
C GLN B 144 -16.52 -13.89 -18.18
N ALA B 145 -17.79 -14.18 -17.87
CA ALA B 145 -18.72 -14.66 -18.89
C ALA B 145 -18.83 -13.69 -20.06
N LEU B 146 -19.08 -12.42 -19.75
CA LEU B 146 -19.23 -11.41 -20.79
C LEU B 146 -17.95 -11.15 -21.57
N ALA B 147 -16.81 -11.16 -20.88
CA ALA B 147 -15.53 -10.94 -21.54
C ALA B 147 -15.34 -11.96 -22.66
N PHE B 148 -15.53 -13.22 -22.32
CA PHE B 148 -15.37 -14.30 -23.28
C PHE B 148 -16.46 -14.33 -24.35
N HIS B 149 -17.69 -14.00 -23.97
CA HIS B 149 -18.80 -14.00 -24.93
C HIS B 149 -18.70 -12.88 -25.95
N LYS B 150 -18.50 -11.66 -25.48
CA LYS B 150 -18.44 -10.51 -26.39
C LYS B 150 -17.12 -10.37 -27.15
N HIS B 151 -16.03 -10.87 -26.59
CA HIS B 151 -14.73 -10.70 -27.24
C HIS B 151 -13.97 -11.94 -27.67
N LEU B 152 -14.44 -13.12 -27.31
CA LEU B 152 -13.75 -14.34 -27.73
C LEU B 152 -14.69 -15.36 -28.37
N GLY B 153 -15.86 -14.88 -28.79
CA GLY B 153 -16.83 -15.73 -29.47
C GLY B 153 -17.45 -16.90 -28.71
N ILE B 154 -17.41 -16.87 -27.39
CA ILE B 154 -18.01 -17.95 -26.60
C ILE B 154 -19.53 -17.80 -26.67
N GLU B 155 -20.19 -18.82 -27.21
CA GLU B 155 -21.64 -18.79 -27.37
C GLU B 155 -22.38 -19.59 -26.30
N GLU B 156 -21.70 -20.56 -25.72
CA GLU B 156 -22.30 -21.40 -24.70
C GLU B 156 -21.43 -21.57 -23.47
N ILE B 157 -22.03 -21.36 -22.31
CA ILE B 157 -21.34 -21.50 -21.04
C ILE B 157 -22.07 -22.49 -20.16
N VAL B 158 -21.33 -23.47 -19.66
CA VAL B 158 -21.90 -24.47 -18.77
C VAL B 158 -21.37 -24.11 -17.40
N ALA B 159 -22.26 -23.72 -16.50
CA ALA B 159 -21.87 -23.27 -15.18
C ALA B 159 -22.17 -24.20 -14.02
N TYR B 160 -21.30 -24.14 -13.02
CA TYR B 160 -21.46 -24.92 -11.80
C TYR B 160 -20.91 -24.16 -10.61
N ASP B 161 -21.64 -24.24 -9.49
CA ASP B 161 -21.25 -23.60 -8.24
C ASP B 161 -21.89 -24.44 -7.15
N THR B 162 -21.20 -24.65 -6.04
CA THR B 162 -21.75 -25.43 -4.94
C THR B 162 -23.07 -24.81 -4.52
N ASP B 163 -23.15 -23.48 -4.65
CA ASP B 163 -24.33 -22.69 -4.30
C ASP B 163 -25.18 -22.49 -5.55
N PRO B 164 -26.30 -23.25 -5.66
CA PRO B 164 -27.21 -23.17 -6.81
C PRO B 164 -27.79 -21.77 -7.04
N LEU B 165 -27.91 -20.99 -5.97
CA LEU B 165 -28.45 -19.64 -6.09
C LEU B 165 -27.46 -18.73 -6.80
N ALA B 166 -26.18 -19.03 -6.69
CA ALA B 166 -25.15 -18.24 -7.35
C ALA B 166 -25.31 -18.45 -8.85
N THR B 167 -25.51 -19.70 -9.27
CA THR B 167 -25.69 -20.00 -10.68
C THR B 167 -26.95 -19.34 -11.21
N ALA B 168 -28.03 -19.38 -10.42
CA ALA B 168 -29.28 -18.77 -10.84
C ALA B 168 -29.07 -17.27 -11.08
N LYS B 169 -28.29 -16.64 -10.21
CA LYS B 169 -27.98 -15.22 -10.30
C LYS B 169 -27.27 -14.92 -11.62
N LEU B 170 -26.24 -15.71 -11.91
CA LEU B 170 -25.45 -15.56 -13.12
C LEU B 170 -26.32 -15.64 -14.37
N ILE B 171 -27.16 -16.65 -14.44
CA ILE B 171 -28.04 -16.85 -15.58
C ILE B 171 -29.01 -15.68 -15.72
N ALA B 172 -29.56 -15.23 -14.61
CA ALA B 172 -30.51 -14.11 -14.63
C ALA B 172 -29.85 -12.80 -15.04
N ASN B 173 -28.63 -12.58 -14.58
CA ASN B 173 -27.91 -11.35 -14.90
C ASN B 173 -27.56 -11.22 -16.37
N LEU B 174 -27.29 -12.34 -17.03
CA LEU B 174 -26.89 -12.29 -18.43
C LEU B 174 -27.94 -12.74 -19.45
N LYS B 175 -29.13 -13.09 -18.98
CA LYS B 175 -30.18 -13.52 -19.88
C LYS B 175 -30.45 -12.49 -20.98
N GLU B 176 -30.26 -11.22 -20.64
CA GLU B 176 -30.46 -10.11 -21.58
C GLU B 176 -29.56 -10.21 -22.82
N TYR B 177 -28.53 -11.05 -22.75
CA TYR B 177 -27.62 -11.24 -23.88
C TYR B 177 -28.05 -12.52 -24.59
N SER B 178 -29.03 -12.38 -25.49
CA SER B 178 -29.59 -13.51 -26.23
C SER B 178 -28.62 -14.36 -27.05
N GLY B 179 -27.46 -13.82 -27.40
CA GLY B 179 -26.51 -14.59 -28.16
C GLY B 179 -25.72 -15.56 -27.30
N LEU B 180 -25.95 -15.49 -25.99
CA LEU B 180 -25.23 -16.34 -25.03
C LEU B 180 -26.14 -17.29 -24.25
N THR B 181 -25.88 -18.59 -24.36
CA THR B 181 -26.65 -19.56 -23.61
C THR B 181 -25.84 -19.99 -22.40
N ILE B 182 -26.46 -19.97 -21.23
CA ILE B 182 -25.80 -20.38 -20.00
C ILE B 182 -26.68 -21.41 -19.31
N ARG B 183 -26.14 -22.60 -19.08
CA ARG B 183 -26.89 -23.64 -18.42
C ARG B 183 -26.17 -24.22 -17.21
N ARG B 184 -26.98 -24.64 -16.24
CA ARG B 184 -26.50 -25.21 -14.98
C ARG B 184 -26.14 -26.69 -15.12
N ALA B 185 -24.99 -27.08 -14.58
CA ALA B 185 -24.54 -28.46 -14.60
C ALA B 185 -24.63 -28.98 -13.17
N SER B 186 -24.72 -30.29 -12.99
CA SER B 186 -24.83 -30.86 -11.65
C SER B 186 -23.48 -31.14 -10.98
N SER B 187 -22.40 -31.02 -11.74
CA SER B 187 -21.06 -31.25 -11.20
C SER B 187 -20.01 -30.60 -12.08
N VAL B 188 -18.81 -30.44 -11.53
CA VAL B 188 -17.70 -29.85 -12.28
C VAL B 188 -17.35 -30.72 -13.48
N ALA B 189 -17.28 -32.03 -13.24
CA ALA B 189 -16.95 -32.97 -14.30
C ALA B 189 -17.95 -32.86 -15.46
N GLU B 190 -19.23 -32.66 -15.13
CA GLU B 190 -20.26 -32.55 -16.15
C GLU B 190 -20.17 -31.22 -16.89
N ALA B 191 -19.81 -30.17 -16.15
CA ALA B 191 -19.70 -28.84 -16.72
C ALA B 191 -18.55 -28.69 -17.71
N VAL B 192 -17.42 -29.32 -17.40
CA VAL B 192 -16.23 -29.21 -18.26
C VAL B 192 -16.17 -30.17 -19.44
N LYS B 193 -17.07 -31.15 -19.50
CA LYS B 193 -17.05 -32.09 -20.60
C LYS B 193 -17.25 -31.44 -21.97
N GLY B 194 -16.26 -31.62 -22.84
CA GLY B 194 -16.35 -31.07 -24.19
C GLY B 194 -16.19 -29.58 -24.37
N VAL B 195 -15.72 -28.86 -23.35
CA VAL B 195 -15.56 -27.42 -23.49
C VAL B 195 -14.19 -27.07 -24.04
N ASP B 196 -14.09 -25.90 -24.67
CA ASP B 196 -12.84 -25.42 -25.25
C ASP B 196 -12.05 -24.66 -24.20
N ILE B 197 -12.75 -24.01 -23.28
CA ILE B 197 -12.11 -23.24 -22.24
C ILE B 197 -12.74 -23.54 -20.89
N ILE B 198 -11.90 -23.64 -19.86
CA ILE B 198 -12.39 -23.86 -18.51
C ILE B 198 -11.97 -22.67 -17.67
N THR B 199 -12.94 -21.95 -17.13
CA THR B 199 -12.63 -20.82 -16.26
C THR B 199 -13.05 -21.20 -14.85
N THR B 200 -12.11 -21.13 -13.93
CA THR B 200 -12.39 -21.44 -12.53
C THR B 200 -12.22 -20.18 -11.70
N VAL B 201 -13.28 -19.81 -10.98
CA VAL B 201 -13.26 -18.64 -10.11
C VAL B 201 -13.95 -18.97 -8.79
N THR B 202 -13.54 -20.08 -8.18
CA THR B 202 -14.10 -20.50 -6.91
C THR B 202 -13.34 -19.80 -5.78
N ALA B 203 -13.99 -19.63 -4.63
CA ALA B 203 -13.36 -18.99 -3.49
C ALA B 203 -13.37 -19.93 -2.29
N ASP B 204 -12.19 -20.43 -1.94
CA ASP B 204 -12.04 -21.34 -0.81
C ASP B 204 -10.59 -21.28 -0.38
N LYS B 205 -10.37 -20.79 0.84
CA LYS B 205 -9.02 -20.67 1.37
C LYS B 205 -8.49 -22.03 1.82
N ALA B 206 -8.10 -22.83 0.82
CA ALA B 206 -7.57 -24.16 1.04
C ALA B 206 -7.11 -24.79 -0.28
N TYR B 207 -6.36 -25.89 -0.17
CA TYR B 207 -5.89 -26.60 -1.35
C TYR B 207 -7.09 -27.38 -1.88
N ALA B 208 -7.49 -27.07 -3.11
CA ALA B 208 -8.63 -27.75 -3.71
C ALA B 208 -8.29 -28.30 -5.09
N THR B 209 -8.92 -29.40 -5.44
CA THR B 209 -8.71 -30.00 -6.74
C THR B 209 -10.01 -29.90 -7.54
N ILE B 210 -10.36 -28.66 -7.91
CA ILE B 210 -11.57 -28.42 -8.68
C ILE B 210 -11.46 -29.15 -10.01
N ILE B 211 -10.31 -29.01 -10.66
CA ILE B 211 -10.06 -29.66 -11.93
C ILE B 211 -9.03 -30.77 -11.70
N THR B 212 -9.38 -31.98 -12.13
CA THR B 212 -8.49 -33.12 -12.00
C THR B 212 -8.04 -33.59 -13.39
N PRO B 213 -6.93 -34.32 -13.46
CA PRO B 213 -6.38 -34.84 -14.72
C PRO B 213 -7.38 -35.52 -15.66
N ASP B 214 -8.30 -36.29 -15.10
CA ASP B 214 -9.31 -37.00 -15.87
C ASP B 214 -10.25 -36.09 -16.66
N LEU B 216 -9.26 -33.30 -18.29
CA LEU B 216 -8.54 -32.69 -19.41
C LEU B 216 -8.79 -33.37 -20.75
N GLU B 217 -9.01 -32.54 -21.77
CA GLU B 217 -9.23 -33.00 -23.13
C GLU B 217 -8.23 -32.24 -24.00
N PRO B 218 -7.79 -32.85 -25.11
CA PRO B 218 -6.83 -32.20 -26.00
C PRO B 218 -7.32 -30.84 -26.52
N GLY B 219 -6.42 -29.85 -26.50
CA GLY B 219 -6.77 -28.53 -27.00
C GLY B 219 -7.39 -27.53 -26.04
N HIS B 221 -7.98 -24.84 -22.93
CA HIS B 221 -7.26 -23.72 -22.34
C HIS B 221 -7.89 -23.55 -20.98
N LEU B 222 -7.07 -23.47 -19.95
CA LEU B 222 -7.57 -23.30 -18.60
C LEU B 222 -7.28 -21.90 -18.09
N ASN B 223 -8.34 -21.19 -17.73
CA ASN B 223 -8.28 -19.84 -17.20
C ASN B 223 -8.46 -20.02 -15.70
N ALA B 224 -7.38 -20.36 -15.00
CA ALA B 224 -7.41 -20.60 -13.56
C ALA B 224 -7.23 -19.30 -12.79
N VAL B 225 -8.35 -18.74 -12.35
CA VAL B 225 -8.36 -17.44 -11.65
C VAL B 225 -8.56 -17.46 -10.13
N GLY B 226 -9.38 -18.39 -9.64
CA GLY B 226 -9.71 -18.49 -8.23
C GLY B 226 -8.59 -18.59 -7.20
N GLY B 227 -7.64 -19.49 -7.42
CA GLY B 227 -6.53 -19.66 -6.49
C GLY B 227 -5.61 -18.45 -6.61
N ASP B 228 -5.19 -17.86 -5.51
CA ASP B 228 -4.36 -16.67 -5.62
C ASP B 228 -3.63 -16.35 -4.34
N CYS B 229 -3.32 -17.38 -3.56
CA CYS B 229 -2.65 -17.16 -2.29
C CYS B 229 -1.96 -18.46 -1.90
N PRO B 230 -0.86 -18.37 -1.13
CA PRO B 230 -0.25 -19.65 -0.76
C PRO B 230 -1.28 -20.44 0.03
N GLY B 231 -1.38 -21.74 -0.23
CA GLY B 231 -2.33 -22.58 0.46
C GLY B 231 -3.73 -22.51 -0.12
N LYS B 232 -3.87 -21.83 -1.26
CA LYS B 232 -5.17 -21.66 -1.90
C LYS B 232 -5.04 -21.99 -3.39
N THR B 233 -5.48 -23.20 -3.76
CA THR B 233 -5.38 -23.65 -5.15
C THR B 233 -6.67 -24.28 -5.67
N GLU B 234 -6.76 -24.41 -7.00
CA GLU B 234 -7.94 -25.00 -7.65
C GLU B 234 -7.62 -26.17 -8.55
N LEU B 235 -6.36 -26.30 -8.98
CA LEU B 235 -5.99 -27.38 -9.88
C LEU B 235 -5.11 -28.46 -9.28
N HIS B 236 -5.35 -29.70 -9.67
CA HIS B 236 -4.54 -30.81 -9.19
C HIS B 236 -3.18 -30.60 -9.83
N ALA B 237 -2.11 -30.81 -9.07
CA ALA B 237 -0.75 -30.62 -9.56
C ALA B 237 -0.47 -31.27 -10.92
N ASP B 238 -1.06 -32.44 -11.15
CA ASP B 238 -0.84 -33.12 -12.42
C ASP B 238 -1.48 -32.43 -13.61
N VAL B 239 -2.47 -31.57 -13.36
CA VAL B 239 -3.10 -30.83 -14.46
C VAL B 239 -2.04 -29.92 -15.06
N LEU B 240 -1.26 -29.29 -14.19
CA LEU B 240 -0.20 -28.39 -14.61
C LEU B 240 0.91 -29.12 -15.39
N ARG B 241 1.28 -30.31 -14.93
CA ARG B 241 2.33 -31.06 -15.60
C ARG B 241 1.95 -31.52 -17.01
N ASN B 242 0.66 -31.54 -17.28
CA ASN B 242 0.14 -31.97 -18.58
C ASN B 242 -0.22 -30.78 -19.47
N ALA B 243 0.31 -29.61 -19.12
CA ALA B 243 0.02 -28.41 -19.88
C ALA B 243 1.21 -27.48 -19.95
N ARG B 244 1.13 -26.49 -20.84
CA ARG B 244 2.16 -25.49 -20.98
C ARG B 244 1.57 -24.39 -20.11
N VAL B 245 2.30 -24.01 -19.05
CA VAL B 245 1.80 -23.03 -18.09
C VAL B 245 2.34 -21.61 -18.29
N PHE B 246 1.41 -20.66 -18.29
CA PHE B 246 1.73 -19.25 -18.49
C PHE B 246 1.43 -18.44 -17.23
N VAL B 247 2.30 -17.48 -16.92
CA VAL B 247 2.12 -16.66 -15.72
C VAL B 247 2.24 -15.17 -15.98
N GLU B 248 1.83 -14.38 -14.99
CA GLU B 248 1.91 -12.94 -15.04
C GLU B 248 3.32 -12.58 -14.58
N TYR B 249 3.49 -12.39 -13.27
CA TYR B 249 4.79 -12.06 -12.67
C TYR B 249 5.30 -13.28 -11.89
N GLU B 250 6.15 -14.07 -12.53
CA GLU B 250 6.72 -15.30 -11.98
C GLU B 250 7.12 -15.32 -10.50
N PRO B 251 7.91 -14.34 -10.04
CA PRO B 251 8.31 -14.33 -8.63
C PRO B 251 7.13 -14.41 -7.66
N GLN B 252 6.03 -13.76 -8.02
CA GLN B 252 4.84 -13.75 -7.19
C GLN B 252 4.01 -15.02 -7.39
N THR B 253 3.86 -15.43 -8.64
CA THR B 253 3.08 -16.62 -8.96
C THR B 253 3.70 -17.91 -8.42
N ARG B 254 5.01 -17.94 -8.28
CA ARG B 254 5.68 -19.13 -7.75
C ARG B 254 5.21 -19.40 -6.33
N ILE B 255 4.82 -18.34 -5.64
CA ILE B 255 4.36 -18.43 -4.25
C ILE B 255 2.84 -18.51 -4.10
N GLU B 256 2.11 -17.79 -4.94
CA GLU B 256 0.65 -17.75 -4.83
C GLU B 256 -0.16 -18.56 -5.84
N GLY B 257 0.46 -18.91 -6.96
CA GLY B 257 -0.28 -19.61 -8.00
C GLY B 257 -0.39 -21.12 -7.87
N GLU B 258 -1.05 -21.73 -8.85
CA GLU B 258 -1.22 -23.18 -8.89
C GLU B 258 0.14 -23.85 -8.86
N ILE B 259 1.14 -23.22 -9.50
CA ILE B 259 2.47 -23.79 -9.54
C ILE B 259 3.17 -23.87 -8.19
N GLN B 260 2.53 -23.36 -7.14
CA GLN B 260 3.11 -23.44 -5.80
C GLN B 260 3.17 -24.91 -5.39
N GLN B 261 2.40 -25.73 -6.09
CA GLN B 261 2.31 -27.17 -5.80
C GLN B 261 3.42 -27.98 -6.47
N LEU B 262 4.22 -27.32 -7.30
CA LEU B 262 5.29 -28.00 -8.03
C LEU B 262 6.68 -27.53 -7.62
N PRO B 263 7.72 -28.27 -8.03
CA PRO B 263 9.09 -27.89 -7.70
C PRO B 263 9.40 -26.47 -8.17
N ALA B 264 10.26 -25.77 -7.44
CA ALA B 264 10.63 -24.41 -7.78
C ALA B 264 11.18 -24.27 -9.20
N ASP B 265 11.65 -25.37 -9.78
CA ASP B 265 12.20 -25.33 -11.12
C ASP B 265 11.23 -25.75 -12.22
N PHE B 266 9.97 -25.95 -11.87
CA PHE B 266 8.97 -26.32 -12.86
C PHE B 266 8.91 -25.18 -13.88
N PRO B 267 9.11 -25.50 -15.18
CA PRO B 267 9.09 -24.47 -16.23
C PRO B 267 7.75 -23.80 -16.51
N VAL B 268 7.76 -22.48 -16.54
CA VAL B 268 6.57 -21.70 -16.84
C VAL B 268 6.97 -20.68 -17.91
N VAL B 269 5.98 -20.10 -18.58
CA VAL B 269 6.24 -19.11 -19.63
C VAL B 269 5.67 -17.75 -19.24
N ASP B 270 6.47 -16.71 -19.43
CA ASP B 270 6.02 -15.35 -19.10
C ASP B 270 5.07 -14.86 -20.19
N LEU B 271 3.85 -14.50 -19.81
CA LEU B 271 2.86 -14.05 -20.78
C LEU B 271 3.30 -12.85 -21.60
N TRP B 272 4.02 -11.91 -20.99
CA TRP B 272 4.44 -10.74 -21.74
C TRP B 272 5.33 -11.09 -22.91
N ARG B 273 6.13 -12.14 -22.78
CA ARG B 273 7.03 -12.57 -23.85
C ARG B 273 6.21 -13.12 -25.01
N VAL B 274 5.12 -13.81 -24.70
CA VAL B 274 4.25 -14.37 -25.72
C VAL B 274 3.58 -13.22 -26.49
N LEU B 275 3.11 -12.23 -25.75
CA LEU B 275 2.44 -11.08 -26.37
C LEU B 275 3.36 -10.28 -27.28
N ARG B 276 4.67 -10.35 -27.03
CA ARG B 276 5.63 -9.65 -27.87
C ARG B 276 6.07 -10.55 -29.02
N GLY B 277 5.54 -11.76 -29.03
CA GLY B 277 5.89 -12.72 -30.07
C GLY B 277 7.35 -13.14 -30.01
N GLU B 278 7.92 -13.10 -28.82
CA GLU B 278 9.32 -13.46 -28.62
C GLU B 278 9.47 -14.87 -28.06
N THR B 279 8.36 -15.42 -27.55
CA THR B 279 8.36 -16.78 -27.01
C THR B 279 7.07 -17.44 -27.48
N GLU B 280 7.11 -18.74 -27.71
CA GLU B 280 5.93 -19.46 -28.17
C GLU B 280 4.83 -19.52 -27.14
N GLY B 281 3.59 -19.35 -27.59
CA GLY B 281 2.45 -19.44 -26.71
C GLY B 281 1.94 -20.87 -26.89
N ARG B 282 0.78 -21.03 -27.51
CA ARG B 282 0.25 -22.36 -27.77
C ARG B 282 1.12 -22.96 -28.88
N GLN B 283 1.59 -24.19 -28.66
CA GLN B 283 2.46 -24.85 -29.64
C GLN B 283 1.78 -25.82 -30.59
N SER B 284 0.56 -26.24 -30.25
CA SER B 284 -0.20 -27.17 -31.09
C SER B 284 -1.68 -27.12 -30.72
N ASP B 285 -2.51 -27.70 -31.58
CA ASP B 285 -3.95 -27.72 -31.34
C ASP B 285 -4.35 -28.71 -30.25
N SER B 286 -3.52 -29.73 -30.03
CA SER B 286 -3.82 -30.75 -29.02
C SER B 286 -3.32 -30.36 -27.64
N GLN B 287 -2.39 -29.43 -27.58
CA GLN B 287 -1.81 -28.99 -26.31
C GLN B 287 -2.86 -28.41 -25.36
N VAL B 288 -2.60 -28.51 -24.06
CA VAL B 288 -3.49 -27.93 -23.06
C VAL B 288 -2.71 -26.75 -22.52
N THR B 289 -3.33 -25.57 -22.51
CA THR B 289 -2.66 -24.39 -22.01
C THR B 289 -3.29 -23.95 -20.71
N VAL B 290 -2.48 -23.47 -19.78
CA VAL B 290 -2.99 -23.01 -18.49
C VAL B 290 -2.50 -21.61 -18.18
N PHE B 291 -3.43 -20.72 -17.86
CA PHE B 291 -3.07 -19.37 -17.46
C PHE B 291 -3.21 -19.41 -15.95
N ASP B 292 -2.08 -19.52 -15.26
CA ASP B 292 -2.04 -19.58 -13.79
C ASP B 292 -2.14 -18.15 -13.30
N SER B 293 -3.37 -17.65 -13.21
CA SER B 293 -3.64 -16.27 -12.82
C SER B 293 -3.85 -15.99 -11.33
N VAL B 294 -3.11 -15.02 -10.80
CA VAL B 294 -3.27 -14.68 -9.40
C VAL B 294 -3.51 -13.19 -9.23
N GLY B 295 -3.35 -12.43 -10.31
CA GLY B 295 -3.54 -10.99 -10.26
C GLY B 295 -2.18 -10.35 -10.06
N PHE B 296 -1.94 -9.24 -10.74
CA PHE B 296 -0.66 -8.55 -10.62
C PHE B 296 -0.84 -7.04 -10.74
N ALA B 297 -0.10 -6.30 -9.92
CA ALA B 297 -0.17 -4.85 -9.86
C ALA B 297 -0.24 -4.11 -11.20
N LEU B 298 0.48 -4.59 -12.21
CA LEU B 298 0.46 -3.92 -13.51
C LEU B 298 -0.95 -3.82 -14.08
N GLU B 299 -1.77 -4.83 -13.81
CA GLU B 299 -3.15 -4.85 -14.30
C GLU B 299 -3.97 -3.75 -13.62
N ASP B 300 -3.65 -3.47 -12.36
CA ASP B 300 -4.37 -2.45 -11.62
C ASP B 300 -3.90 -1.07 -12.05
N TYR B 301 -2.63 -0.98 -12.43
CA TYR B 301 -2.05 0.26 -12.92
C TYR B 301 -2.81 0.61 -14.20
N THR B 302 -2.99 -0.39 -15.06
CA THR B 302 -3.68 -0.17 -16.33
C THR B 302 -5.13 0.28 -16.13
N VAL B 303 -5.87 -0.39 -15.27
CA VAL B 303 -7.26 -0.01 -15.06
C VAL B 303 -7.37 1.36 -14.38
N LEU B 304 -6.41 1.68 -13.52
CA LEU B 304 -6.43 2.99 -12.87
C LEU B 304 -6.22 4.11 -13.88
N ARG B 305 -5.29 3.93 -14.81
CA ARG B 305 -5.04 4.95 -15.83
C ARG B 305 -6.25 5.06 -16.76
N TYR B 306 -6.86 3.92 -17.07
CA TYR B 306 -8.03 3.88 -17.94
C TYR B 306 -9.18 4.64 -17.29
N VAL B 307 -9.43 4.34 -16.03
CA VAL B 307 -10.50 5.00 -15.28
C VAL B 307 -10.27 6.50 -15.18
N LEU B 308 -9.03 6.92 -14.92
CA LEU B 308 -8.75 8.34 -14.82
C LEU B 308 -9.08 9.06 -16.12
N GLN B 309 -8.59 8.52 -17.23
CA GLN B 309 -8.81 9.10 -18.54
C GLN B 309 -10.29 9.15 -18.93
N GLN B 310 -11.01 8.06 -18.66
CA GLN B 310 -12.43 7.98 -19.00
C GLN B 310 -13.30 8.88 -18.12
N ALA B 311 -12.93 9.01 -16.85
CA ALA B 311 -13.68 9.85 -15.93
C ALA B 311 -13.45 11.32 -16.29
N GLU B 312 -12.21 11.65 -16.63
CA GLU B 312 -11.86 13.02 -17.00
C GLU B 312 -12.69 13.48 -18.21
N LYS B 313 -12.78 12.61 -19.21
CA LYS B 313 -13.54 12.93 -20.42
C LYS B 313 -15.02 13.15 -20.12
N ARG B 314 -15.51 12.53 -19.06
CA ARG B 314 -16.91 12.63 -18.69
C ARG B 314 -17.18 13.58 -17.53
N GLY B 315 -16.12 14.23 -17.03
CA GLY B 315 -16.27 15.16 -15.92
C GLY B 315 -16.80 14.49 -14.67
N GLY B 317 -16.28 12.31 -10.96
CA GLY B 317 -15.37 12.23 -9.84
C GLY B 317 -15.39 13.52 -9.05
N THR B 318 -14.93 13.48 -7.81
CA THR B 318 -14.92 14.67 -6.97
C THR B 318 -13.54 14.90 -6.38
N LYS B 319 -13.24 16.13 -6.02
CA LYS B 319 -11.94 16.46 -5.44
C LYS B 319 -11.97 16.27 -3.92
N ILE B 320 -10.87 15.77 -3.38
CA ILE B 320 -10.75 15.57 -1.94
C ILE B 320 -9.41 16.09 -1.46
N ASP B 321 -9.36 16.52 -0.20
CA ASP B 321 -8.12 17.03 0.38
C ASP B 321 -7.45 15.89 1.12
N LEU B 322 -6.77 15.03 0.38
CA LEU B 322 -6.09 13.88 0.96
C LEU B 322 -4.72 14.28 1.51
N VAL B 323 -4.01 15.10 0.75
CA VAL B 323 -2.70 15.59 1.15
C VAL B 323 -2.61 17.07 0.75
N PRO B 324 -1.65 17.80 1.30
CA PRO B 324 -1.52 19.21 0.93
C PRO B 324 -1.20 19.37 -0.55
N TRP B 325 -1.68 20.46 -1.13
CA TRP B 325 -1.46 20.77 -2.53
C TRP B 325 -0.33 21.81 -2.52
N VAL B 326 -0.34 22.76 -3.45
CA VAL B 326 0.68 23.79 -3.50
C VAL B 326 0.38 24.81 -2.40
N GLU B 327 1.41 25.27 -1.70
CA GLU B 327 1.23 26.24 -0.64
C GLU B 327 2.30 27.32 -0.68
N ASP B 328 2.00 28.47 -0.11
CA ASP B 328 2.95 29.58 -0.07
C ASP B 328 4.25 29.15 0.59
N ASP B 329 4.13 28.43 1.69
CA ASP B 329 5.31 27.92 2.39
C ASP B 329 5.10 26.45 2.71
N PRO B 330 5.60 25.56 1.84
CA PRO B 330 5.46 24.11 2.04
C PRO B 330 6.25 23.58 3.23
N LYS B 331 7.08 24.43 3.83
CA LYS B 331 7.87 24.03 4.98
C LYS B 331 7.15 24.38 6.29
N ASP B 332 6.00 25.04 6.16
CA ASP B 332 5.22 25.43 7.33
C ASP B 332 4.02 24.50 7.50
N LEU B 333 4.30 23.27 7.91
CA LEU B 333 3.23 22.29 8.12
C LEU B 333 2.53 22.63 9.43
N PHE B 334 3.27 23.20 10.36
CA PHE B 334 2.74 23.57 11.66
C PHE B 334 1.54 24.51 11.57
N SER B 335 1.50 25.34 10.53
CA SER B 335 0.39 26.28 10.36
C SER B 335 -0.95 25.55 10.30
N HIS B 336 -0.94 24.29 9.87
CA HIS B 336 -2.16 23.50 9.77
C HIS B 336 -2.70 23.06 11.13
N THR B 337 -1.89 23.23 12.18
CA THR B 337 -2.32 22.82 13.52
C THR B 337 -3.16 23.88 14.22
N ARG B 338 -3.38 25.01 13.55
CA ARG B 338 -4.16 26.09 14.14
C ARG B 338 -5.63 26.00 13.70
N GLY B 339 -5.97 24.92 13.01
CA GLY B 339 -7.34 24.74 12.56
C GLY B 339 -7.50 25.15 11.11
N ARG B 340 -8.57 24.69 10.47
CA ARG B 340 -8.80 25.01 9.07
C ARG B 340 -9.08 26.50 8.91
#